data_7K9A
#
_entry.id   7K9A
#
_cell.length_a   35.621
_cell.length_b   157.351
_cell.length_c   48.846
_cell.angle_alpha   90.000
_cell.angle_beta   101.640
_cell.angle_gamma   90.000
#
_symmetry.space_group_name_H-M   'P 1 21 1'
#
loop_
_entity.id
_entity.type
_entity.pdbx_description
1 polymer 'UDP-3-O-acyl-N-acetylglucosamine deacetylase'
2 non-polymer N-hydroxy-N-[(1S)-2-{5-[(4-{[2-(hydroxymethyl)-1H-imidazol-1-yl]methyl}phenyl)ethynyl]-1H-benzotriazol-1-yl}-1-(methylsulfanyl)ethyl]formamide
3 non-polymer 'SULFATE ION'
4 non-polymer GLYCEROL
5 non-polymer 'DIMETHYL SULFOXIDE'
6 non-polymer 'ZINC ION'
7 non-polymer N-hydroxy-N-[(1R)-2-{5-[(4-{[2-(hydroxymethyl)-1H-imidazol-1-yl]methyl}phenyl)ethynyl]-1H-benzotriazol-1-yl}-1-(methylsulfanyl)ethyl]formamide
8 water water
#
_entity_poly.entity_id   1
_entity_poly.type   'polypeptide(L)'
_entity_poly.pdbx_seq_one_letter_code
;MIKQRTLKNIIRATGVGLHSGEKVYLTLKPAPVDTGIVFCRTDLDPVVEIPARAENVGETTMSTTLVKGDVKVDTVEHLL
SAMAGLGIDNAYVELSASEVPIMDGSAGPFVFLIQSAGLQEQEAAKKFIRIKREVSVEEGDKRAVFVPFDGFKVSFEIDF
DHPVFRGRTQQASVDFSSTSFVKEVSRARTFGFMRDIEYLRSQNLALGGSVENAIVVDENRVLNEDGLRYEDEFVKHKIL
DAIGDLYLLGNSLIGEFRGFKSGHALNNQLLRTLIADKDAWEVVTFEDARTAPISYMRPAAAV
;
_entity_poly.pdbx_strand_id   A,C
#
loop_
_chem_comp.id
_chem_comp.type
_chem_comp.name
_chem_comp.formula
DMS non-polymer 'DIMETHYL SULFOXIDE' 'C2 H6 O S'
GOL non-polymer GLYCEROL 'C3 H8 O3'
SO4 non-polymer 'SULFATE ION' 'O4 S -2'
W4P non-polymer N-hydroxy-N-[(1S)-2-{5-[(4-{[2-(hydroxymethyl)-1H-imidazol-1-yl]methyl}phenyl)ethynyl]-1H-benzotriazol-1-yl}-1-(methylsulfanyl)ethyl]formamide 'C23 H22 N6 O3 S'
W8P non-polymer N-hydroxy-N-[(1R)-2-{5-[(4-{[2-(hydroxymethyl)-1H-imidazol-1-yl]methyl}phenyl)ethynyl]-1H-benzotriazol-1-yl}-1-(methylsulfanyl)ethyl]formamide 'C23 H22 N6 O3 S'
ZN non-polymer 'ZINC ION' 'Zn 2'
#
# COMPACT_ATOMS: atom_id res chain seq x y z
N MET A 1 20.86 5.12 -15.52
CA MET A 1 20.58 5.36 -14.08
C MET A 1 20.35 4.04 -13.35
N ILE A 2 20.84 3.91 -12.12
CA ILE A 2 20.44 2.76 -11.28
C ILE A 2 19.12 3.23 -10.67
N LYS A 3 18.04 2.54 -10.96
CA LYS A 3 16.66 3.02 -10.67
C LYS A 3 16.19 2.40 -9.37
N GLN A 4 15.23 3.06 -8.72
CA GLN A 4 14.53 2.49 -7.54
C GLN A 4 13.71 1.28 -8.00
N ARG A 5 13.39 0.38 -7.08
CA ARG A 5 12.65 -0.86 -7.41
C ARG A 5 11.51 -1.02 -6.42
N THR A 6 10.39 -1.52 -6.90
CA THR A 6 9.24 -1.98 -6.07
C THR A 6 8.79 -3.34 -6.62
N LEU A 7 7.73 -3.93 -6.07
CA LEU A 7 7.08 -5.14 -6.64
C LEU A 7 6.21 -4.73 -7.82
N LYS A 8 6.08 -5.64 -8.80
CA LYS A 8 5.15 -5.51 -9.96
C LYS A 8 3.72 -5.79 -9.49
N ASN A 9 3.53 -6.68 -8.52
CA ASN A 9 2.18 -7.09 -8.04
C ASN A 9 2.17 -7.22 -6.52
N ILE A 10 0.99 -7.21 -5.93
CA ILE A 10 0.71 -7.62 -4.52
C ILE A 10 0.97 -9.12 -4.44
N ILE A 11 1.59 -9.59 -3.36
CA ILE A 11 1.68 -11.06 -3.11
C ILE A 11 1.51 -11.32 -1.61
N ARG A 12 1.02 -12.51 -1.27
CA ARG A 12 0.59 -12.89 0.08
C ARG A 12 1.36 -14.14 0.49
N ALA A 13 1.69 -14.25 1.76
CA ALA A 13 2.19 -15.49 2.36
C ALA A 13 1.64 -15.59 3.79
N THR A 14 1.58 -16.81 4.29
CA THR A 14 1.23 -17.08 5.69
C THR A 14 2.35 -17.91 6.30
N GLY A 15 2.43 -17.84 7.61
CA GLY A 15 3.42 -18.60 8.37
C GLY A 15 3.15 -18.40 9.83
N VAL A 16 4.13 -18.74 10.65
CA VAL A 16 4.03 -18.68 12.13
C VAL A 16 5.18 -17.79 12.57
N GLY A 17 4.98 -17.01 13.61
CA GLY A 17 6.08 -16.26 14.26
C GLY A 17 6.92 -17.20 15.08
N LEU A 18 8.22 -17.23 14.86
CA LEU A 18 9.09 -18.13 15.66
C LEU A 18 8.99 -17.78 17.15
N HIS A 19 8.99 -16.50 17.49
CA HIS A 19 8.97 -16.11 18.92
C HIS A 19 7.60 -16.32 19.57
N SER A 20 6.55 -15.84 18.92
CA SER A 20 5.16 -15.72 19.44
C SER A 20 4.37 -17.01 19.25
N GLY A 21 4.68 -17.78 18.21
CA GLY A 21 3.90 -18.98 17.84
C GLY A 21 2.59 -18.62 17.17
N GLU A 22 2.36 -17.33 16.89
CA GLU A 22 1.09 -16.84 16.29
C GLU A 22 1.09 -17.06 14.76
N LYS A 23 -0.05 -17.47 14.21
CA LYS A 23 -0.30 -17.53 12.75
C LYS A 23 -0.41 -16.08 12.25
N VAL A 24 0.30 -15.74 11.19
CA VAL A 24 0.35 -14.34 10.67
C VAL A 24 0.15 -14.42 9.16
N TYR A 25 -0.68 -13.53 8.65
CA TYR A 25 -0.85 -13.25 7.21
C TYR A 25 0.04 -12.05 6.87
N LEU A 26 0.81 -12.20 5.79
CA LEU A 26 1.77 -11.20 5.30
C LEU A 26 1.33 -10.82 3.89
N THR A 27 1.17 -9.51 3.66
CA THR A 27 0.95 -8.94 2.32
C THR A 27 2.13 -8.01 2.02
N LEU A 28 2.80 -8.25 0.89
N LEU A 28 2.72 -8.17 0.84
CA LEU A 28 3.74 -7.30 0.25
CA LEU A 28 3.78 -7.30 0.27
C LEU A 28 2.98 -6.52 -0.83
C LEU A 28 3.19 -6.50 -0.90
N LYS A 29 2.92 -5.19 -0.72
CA LYS A 29 2.26 -4.32 -1.71
C LYS A 29 3.28 -3.40 -2.39
N PRO A 30 3.22 -3.27 -3.73
CA PRO A 30 4.02 -2.27 -4.43
C PRO A 30 3.85 -0.88 -3.81
N ALA A 31 4.91 -0.05 -3.80
CA ALA A 31 4.87 1.34 -3.28
C ALA A 31 5.58 2.28 -4.23
N PRO A 32 5.16 3.55 -4.30
CA PRO A 32 5.79 4.50 -5.21
C PRO A 32 7.18 4.97 -4.73
N VAL A 33 7.82 5.76 -5.58
CA VAL A 33 9.19 6.31 -5.41
C VAL A 33 9.32 6.96 -4.02
N ASP A 34 10.47 6.76 -3.36
CA ASP A 34 10.86 7.42 -2.08
C ASP A 34 9.89 7.06 -0.96
N THR A 35 9.32 5.87 -0.98
CA THR A 35 8.49 5.37 0.14
C THR A 35 9.41 4.72 1.15
N GLY A 36 10.36 3.91 0.70
CA GLY A 36 11.14 3.04 1.60
C GLY A 36 10.31 1.82 2.00
N ILE A 37 10.83 0.96 2.87
CA ILE A 37 10.06 -0.22 3.38
C ILE A 37 9.24 0.27 4.58
N VAL A 38 7.91 0.19 4.52
CA VAL A 38 7.01 0.58 5.64
C VAL A 38 6.23 -0.65 6.10
N PHE A 39 6.34 -0.99 7.38
CA PHE A 39 5.55 -2.09 7.97
C PHE A 39 4.23 -1.51 8.48
N CYS A 40 3.16 -2.30 8.47
CA CYS A 40 1.83 -1.89 9.02
C CYS A 40 1.18 -3.05 9.76
N ARG A 41 0.50 -2.76 10.86
CA ARG A 41 -0.25 -3.79 11.60
C ARG A 41 -1.72 -3.64 11.18
N THR A 42 -2.19 -4.53 10.31
CA THR A 42 -3.55 -4.50 9.71
C THR A 42 -4.59 -4.95 10.74
N ASP A 43 -4.18 -5.64 11.80
CA ASP A 43 -5.07 -6.20 12.85
C ASP A 43 -5.48 -5.12 13.85
N LEU A 44 -4.91 -3.92 13.78
CA LEU A 44 -5.21 -2.84 14.73
C LEU A 44 -6.10 -1.77 14.07
N ASP A 45 -6.86 -1.05 14.89
CA ASP A 45 -7.76 0.05 14.49
C ASP A 45 -7.45 1.26 15.35
N PRO A 46 -6.90 2.36 14.79
CA PRO A 46 -6.55 2.41 13.37
C PRO A 46 -5.35 1.50 13.06
N VAL A 47 -5.06 1.34 11.77
CA VAL A 47 -3.85 0.64 11.27
C VAL A 47 -2.64 1.49 11.67
N VAL A 48 -1.56 0.88 12.14
CA VAL A 48 -0.32 1.62 12.53
C VAL A 48 0.79 1.30 11.54
N GLU A 49 1.45 2.35 11.03
CA GLU A 49 2.54 2.31 10.02
C GLU A 49 3.88 2.53 10.74
N ILE A 50 4.88 1.66 10.53
CA ILE A 50 6.25 1.87 11.09
C ILE A 50 7.25 1.74 9.96
N PRO A 51 7.86 2.85 9.50
CA PRO A 51 9.02 2.80 8.59
C PRO A 51 10.11 1.87 9.15
N ALA A 52 10.71 1.07 8.28
CA ALA A 52 11.80 0.12 8.61
C ALA A 52 13.10 0.92 8.71
N ARG A 53 13.26 1.65 9.80
CA ARG A 53 14.39 2.60 9.99
C ARG A 53 14.95 2.45 11.40
N ALA A 54 16.25 2.68 11.55
CA ALA A 54 17.02 2.45 12.80
C ALA A 54 16.33 3.18 13.97
N GLU A 55 15.80 4.38 13.71
CA GLU A 55 15.14 5.23 14.74
C GLU A 55 13.87 4.54 15.26
N ASN A 56 13.32 3.55 14.56
CA ASN A 56 12.06 2.86 14.98
C ASN A 56 12.37 1.52 15.65
N VAL A 57 13.63 1.17 15.88
CA VAL A 57 13.99 -0.12 16.55
C VAL A 57 13.78 0.04 18.06
N GLY A 58 12.97 -0.83 18.69
CA GLY A 58 12.68 -0.76 20.13
C GLY A 58 13.27 -1.88 20.98
N GLU A 59 13.62 -3.01 20.38
CA GLU A 59 14.15 -4.22 21.06
C GLU A 59 15.07 -4.97 20.09
N THR A 60 16.16 -5.54 20.61
CA THR A 60 17.17 -6.26 19.81
C THR A 60 17.61 -7.53 20.53
N THR A 61 16.75 -8.15 21.35
CA THR A 61 17.07 -9.42 22.03
C THR A 61 16.63 -10.56 21.12
N MET A 62 17.59 -11.19 20.47
CA MET A 62 17.44 -12.39 19.60
C MET A 62 16.71 -12.08 18.28
N SER A 63 16.18 -10.89 18.08
CA SER A 63 15.69 -10.41 16.77
C SER A 63 15.58 -8.90 16.83
N THR A 64 15.46 -8.23 15.69
CA THR A 64 15.23 -6.77 15.60
C THR A 64 13.73 -6.53 15.62
N THR A 65 13.24 -5.73 16.57
CA THR A 65 11.81 -5.37 16.71
C THR A 65 11.61 -3.88 16.45
N LEU A 66 10.72 -3.52 15.54
CA LEU A 66 10.27 -2.12 15.31
C LEU A 66 9.16 -1.82 16.31
N VAL A 67 9.14 -0.62 16.87
CA VAL A 67 8.14 -0.19 17.89
C VAL A 67 7.68 1.22 17.55
N LYS A 68 6.39 1.47 17.69
CA LYS A 68 5.82 2.84 17.68
C LYS A 68 4.73 2.86 18.75
N GLY A 69 4.92 3.67 19.79
CA GLY A 69 4.09 3.59 21.01
C GLY A 69 4.17 2.19 21.56
N ASP A 70 3.03 1.57 21.87
CA ASP A 70 2.99 0.18 22.39
C ASP A 70 2.84 -0.82 21.24
N VAL A 71 2.97 -0.39 19.98
CA VAL A 71 2.79 -1.30 18.80
C VAL A 71 4.15 -1.80 18.32
N LYS A 72 4.30 -3.13 18.23
CA LYS A 72 5.54 -3.83 17.82
C LYS A 72 5.33 -4.58 16.50
N VAL A 73 6.39 -4.66 15.71
CA VAL A 73 6.58 -5.62 14.60
C VAL A 73 7.92 -6.34 14.86
N ASP A 74 7.84 -7.59 15.28
CA ASP A 74 9.03 -8.40 15.64
C ASP A 74 9.60 -9.15 14.44
N THR A 75 10.89 -9.48 14.50
CA THR A 75 11.58 -10.34 13.51
C THR A 75 11.55 -9.77 12.08
N VAL A 76 12.01 -8.55 11.89
CA VAL A 76 12.04 -7.92 10.54
C VAL A 76 13.34 -8.26 9.78
N GLU A 77 14.30 -8.91 10.45
CA GLU A 77 15.68 -9.01 9.91
C GLU A 77 15.73 -9.90 8.65
N HIS A 78 15.02 -11.01 8.59
CA HIS A 78 15.13 -11.98 7.45
C HIS A 78 14.40 -11.41 6.22
N LEU A 79 13.21 -10.86 6.40
CA LEU A 79 12.47 -10.21 5.29
C LEU A 79 13.26 -9.00 4.80
N LEU A 80 13.82 -8.20 5.71
CA LEU A 80 14.58 -6.99 5.31
C LEU A 80 15.83 -7.42 4.52
N SER A 81 16.47 -8.54 4.92
CA SER A 81 17.65 -9.10 4.22
C SER A 81 17.28 -9.41 2.77
N ALA A 82 16.16 -10.10 2.55
CA ALA A 82 15.63 -10.45 1.21
C ALA A 82 15.44 -9.17 0.40
N MET A 83 14.87 -8.14 1.00
CA MET A 83 14.60 -6.87 0.27
C MET A 83 15.93 -6.21 -0.09
N ALA A 84 16.87 -6.12 0.87
CA ALA A 84 18.24 -5.61 0.61
C ALA A 84 18.85 -6.40 -0.55
N GLY A 85 18.79 -7.74 -0.47
CA GLY A 85 19.51 -8.62 -1.41
C GLY A 85 19.03 -8.42 -2.82
N LEU A 86 17.74 -8.14 -3.00
CA LEU A 86 17.09 -7.98 -4.32
C LEU A 86 17.07 -6.49 -4.73
N GLY A 87 17.33 -5.58 -3.80
CA GLY A 87 17.38 -4.15 -4.12
C GLY A 87 15.99 -3.55 -4.18
N ILE A 88 15.05 -4.08 -3.39
CA ILE A 88 13.70 -3.46 -3.19
C ILE A 88 13.85 -2.18 -2.33
N ASP A 89 13.59 -1.01 -2.91
CA ASP A 89 13.58 0.29 -2.20
C ASP A 89 12.24 0.55 -1.53
N ASN A 90 11.16 0.25 -2.24
CA ASN A 90 9.81 0.75 -1.89
C ASN A 90 8.86 -0.45 -1.81
N ALA A 91 8.25 -0.67 -0.63
CA ALA A 91 7.27 -1.73 -0.38
C ALA A 91 6.53 -1.44 0.92
N TYR A 92 5.23 -1.75 0.94
CA TYR A 92 4.45 -1.83 2.18
C TYR A 92 4.46 -3.30 2.58
N VAL A 93 4.74 -3.58 3.85
CA VAL A 93 4.64 -4.92 4.43
C VAL A 93 3.50 -4.90 5.42
N GLU A 94 2.40 -5.56 5.11
CA GLU A 94 1.17 -5.54 5.94
C GLU A 94 1.06 -6.89 6.65
N LEU A 95 1.02 -6.86 7.99
CA LEU A 95 1.02 -8.06 8.87
C LEU A 95 -0.27 -8.10 9.69
N SER A 96 -0.86 -9.27 9.89
CA SER A 96 -2.08 -9.49 10.69
C SER A 96 -1.72 -9.76 12.17
N ALA A 97 -0.45 -9.64 12.54
CA ALA A 97 0.04 -9.93 13.90
C ALA A 97 1.41 -9.27 14.10
N SER A 98 1.95 -9.34 15.32
CA SER A 98 3.12 -8.56 15.78
C SER A 98 4.45 -9.15 15.32
N GLU A 99 4.45 -10.19 14.49
CA GLU A 99 5.70 -10.87 14.06
C GLU A 99 5.61 -11.28 12.59
N VAL A 100 6.68 -11.01 11.86
CA VAL A 100 6.93 -11.54 10.49
C VAL A 100 7.04 -13.05 10.61
N PRO A 101 6.37 -13.82 9.71
CA PRO A 101 6.45 -15.28 9.76
C PRO A 101 7.90 -15.73 9.50
N ILE A 102 8.31 -16.80 10.16
CA ILE A 102 9.70 -17.33 10.10
C ILE A 102 9.93 -18.06 8.76
N MET A 103 8.86 -18.59 8.13
CA MET A 103 8.97 -19.40 6.88
C MET A 103 9.90 -20.60 7.18
N ASP A 104 11.03 -20.75 6.48
CA ASP A 104 11.95 -21.91 6.68
C ASP A 104 13.14 -21.48 7.54
N GLY A 105 13.13 -20.24 8.04
CA GLY A 105 14.19 -19.71 8.92
C GLY A 105 15.27 -18.98 8.16
N SER A 106 15.18 -18.92 6.83
CA SER A 106 16.11 -18.13 5.99
C SER A 106 15.34 -17.01 5.29
N ALA A 107 15.96 -16.42 4.27
CA ALA A 107 15.36 -15.37 3.41
C ALA A 107 14.88 -16.01 2.10
N GLY A 108 15.16 -17.30 1.87
CA GLY A 108 14.94 -17.97 0.58
C GLY A 108 13.49 -17.82 0.13
N PRO A 109 12.51 -18.16 0.99
CA PRO A 109 11.10 -18.03 0.62
C PRO A 109 10.66 -16.60 0.35
N PHE A 110 11.27 -15.62 1.02
CA PHE A 110 10.94 -14.19 0.81
C PHE A 110 11.50 -13.76 -0.54
N VAL A 111 12.72 -14.18 -0.86
CA VAL A 111 13.27 -13.78 -2.18
C VAL A 111 12.45 -14.44 -3.30
N PHE A 112 12.00 -15.66 -3.09
CA PHE A 112 11.15 -16.36 -4.08
C PHE A 112 9.79 -15.64 -4.22
N LEU A 113 9.15 -15.34 -3.11
CA LEU A 113 7.89 -14.56 -3.11
C LEU A 113 8.08 -13.28 -3.92
N ILE A 114 9.18 -12.54 -3.69
CA ILE A 114 9.42 -11.21 -4.31
C ILE A 114 9.66 -11.44 -5.80
N GLN A 115 10.50 -12.43 -6.15
CA GLN A 115 10.91 -12.67 -7.56
C GLN A 115 9.74 -13.28 -8.34
N SER A 116 8.75 -13.86 -7.65
CA SER A 116 7.50 -14.37 -8.27
C SER A 116 6.56 -13.21 -8.60
N ALA A 117 6.36 -12.28 -7.66
CA ALA A 117 5.53 -11.07 -7.83
C ALA A 117 6.14 -10.15 -8.91
N GLY A 118 7.41 -10.36 -9.25
CA GLY A 118 8.22 -9.55 -10.19
C GLY A 118 8.70 -8.24 -9.56
N LEU A 119 9.86 -7.74 -10.00
CA LEU A 119 10.42 -6.42 -9.65
C LEU A 119 10.00 -5.41 -10.72
N GLN A 120 9.62 -4.22 -10.28
CA GLN A 120 9.29 -3.06 -11.13
C GLN A 120 10.34 -1.97 -10.89
N GLU A 121 11.15 -1.64 -11.88
CA GLU A 121 12.08 -0.48 -11.81
C GLU A 121 11.24 0.79 -11.92
N GLN A 122 11.58 1.82 -11.18
CA GLN A 122 10.79 3.08 -11.13
C GLN A 122 11.66 4.20 -11.70
N GLU A 123 11.04 5.30 -12.10
CA GLU A 123 11.71 6.41 -12.81
C GLU A 123 12.26 7.40 -11.79
N ALA A 124 13.16 6.93 -10.95
CA ALA A 124 13.91 7.74 -9.96
C ALA A 124 15.21 7.01 -9.62
N ALA A 125 16.28 7.78 -9.42
CA ALA A 125 17.60 7.22 -9.08
C ALA A 125 17.50 6.56 -7.70
N LYS A 126 18.03 5.35 -7.60
CA LYS A 126 18.19 4.66 -6.30
C LYS A 126 19.27 5.38 -5.49
N LYS A 127 19.03 5.54 -4.19
CA LYS A 127 19.92 6.27 -3.24
C LYS A 127 20.76 5.28 -2.44
N PHE A 128 22.06 5.55 -2.38
CA PHE A 128 23.05 4.69 -1.66
C PHE A 128 23.68 5.50 -0.55
N ILE A 129 24.13 4.80 0.47
CA ILE A 129 24.90 5.47 1.54
C ILE A 129 26.33 4.94 1.44
N ARG A 130 27.25 5.85 1.25
CA ARG A 130 28.65 5.47 1.11
C ARG A 130 29.37 5.64 2.44
N ILE A 131 30.07 4.60 2.85
CA ILE A 131 30.94 4.66 4.04
C ILE A 131 32.22 5.41 3.62
N LYS A 132 32.41 6.62 4.14
CA LYS A 132 33.58 7.47 3.80
C LYS A 132 34.72 7.28 4.81
N ARG A 133 34.40 6.86 6.04
CA ARG A 133 35.39 6.67 7.13
C ARG A 133 35.01 5.45 7.96
N GLU A 134 36.01 4.79 8.54
CA GLU A 134 35.82 3.64 9.44
C GLU A 134 34.99 4.09 10.64
N VAL A 135 34.01 3.29 11.02
CA VAL A 135 33.20 3.52 12.24
C VAL A 135 33.07 2.17 12.92
N SER A 136 33.33 2.10 14.23
CA SER A 136 33.37 0.81 14.96
C SER A 136 32.70 0.98 16.32
N VAL A 137 32.10 -0.09 16.80
CA VAL A 137 31.58 -0.17 18.19
C VAL A 137 32.02 -1.51 18.75
N GLU A 138 32.26 -1.53 20.05
CA GLU A 138 32.72 -2.71 20.79
C GLU A 138 31.90 -2.78 22.07
N GLU A 139 31.72 -3.98 22.60
CA GLU A 139 31.16 -4.25 23.93
C GLU A 139 31.71 -5.60 24.35
N GLY A 140 32.58 -5.60 25.37
CA GLY A 140 33.39 -6.78 25.75
C GLY A 140 34.19 -7.26 24.56
N ASP A 141 34.04 -8.53 24.20
CA ASP A 141 34.86 -9.20 23.16
C ASP A 141 34.18 -9.03 21.78
N LYS A 142 33.03 -8.35 21.73
CA LYS A 142 32.22 -8.20 20.49
C LYS A 142 32.60 -6.88 19.80
N ARG A 143 32.59 -6.89 18.47
CA ARG A 143 32.98 -5.75 17.59
C ARG A 143 32.12 -5.78 16.33
N ALA A 144 31.65 -4.61 15.90
CA ALA A 144 30.96 -4.38 14.60
C ALA A 144 31.58 -3.13 13.98
N VAL A 145 31.94 -3.18 12.70
CA VAL A 145 32.66 -2.03 12.07
C VAL A 145 32.19 -1.85 10.63
N PHE A 146 32.06 -0.58 10.23
CA PHE A 146 31.93 -0.12 8.84
C PHE A 146 33.30 0.36 8.38
N VAL A 147 33.70 -0.10 7.20
CA VAL A 147 34.98 0.26 6.55
C VAL A 147 34.68 0.68 5.13
N PRO A 148 35.33 1.75 4.61
CA PRO A 148 35.15 2.14 3.21
C PRO A 148 35.58 1.00 2.28
N PHE A 149 34.81 0.81 1.21
CA PHE A 149 35.02 -0.25 0.21
C PHE A 149 34.12 0.10 -0.97
N ASP A 150 34.69 0.19 -2.16
CA ASP A 150 33.95 0.57 -3.40
C ASP A 150 33.13 -0.64 -3.88
N GLY A 151 32.04 -0.95 -3.18
CA GLY A 151 31.23 -2.17 -3.42
C GLY A 151 30.42 -2.50 -2.19
N PHE A 152 30.02 -3.75 -2.01
CA PHE A 152 29.32 -4.20 -0.80
C PHE A 152 29.94 -5.52 -0.37
N LYS A 153 30.48 -5.56 0.84
CA LYS A 153 31.15 -6.76 1.41
C LYS A 153 30.74 -6.92 2.87
N VAL A 154 30.51 -8.16 3.29
CA VAL A 154 30.10 -8.50 4.68
C VAL A 154 30.95 -9.68 5.15
N SER A 155 31.72 -9.47 6.22
CA SER A 155 32.53 -10.49 6.91
C SER A 155 31.92 -10.71 8.28
N PHE A 156 32.01 -11.93 8.78
CA PHE A 156 31.46 -12.29 10.09
C PHE A 156 32.33 -13.39 10.69
N GLU A 157 32.51 -13.34 12.02
CA GLU A 157 33.05 -14.43 12.84
C GLU A 157 32.07 -14.72 14.00
N ILE A 158 31.73 -15.98 14.22
CA ILE A 158 30.95 -16.38 15.43
C ILE A 158 31.83 -17.30 16.27
N ASP A 159 31.69 -17.20 17.58
CA ASP A 159 32.37 -18.05 18.58
C ASP A 159 31.31 -18.88 19.27
N PHE A 160 31.26 -20.18 19.03
CA PHE A 160 30.47 -21.13 19.84
C PHE A 160 31.23 -21.35 21.16
N ASP A 161 30.51 -21.63 22.23
CA ASP A 161 31.12 -21.82 23.58
C ASP A 161 31.76 -23.22 23.68
N HIS A 162 31.42 -24.15 22.77
CA HIS A 162 32.02 -25.52 22.69
C HIS A 162 32.37 -25.85 21.23
N PRO A 163 33.03 -27.01 20.95
CA PRO A 163 33.31 -27.43 19.58
C PRO A 163 32.07 -27.92 18.82
N VAL A 164 31.81 -27.36 17.65
CA VAL A 164 30.79 -27.83 16.67
C VAL A 164 31.54 -28.14 15.38
N PHE A 165 31.42 -29.38 14.88
CA PHE A 165 32.24 -29.90 13.77
C PHE A 165 33.72 -29.65 14.09
N ARG A 166 34.07 -29.84 15.37
CA ARG A 166 35.43 -29.97 15.96
C ARG A 166 36.19 -28.64 16.03
N GLY A 167 35.51 -27.51 15.89
CA GLY A 167 36.12 -26.18 16.08
C GLY A 167 35.17 -25.27 16.83
N ARG A 168 35.65 -24.14 17.32
CA ARG A 168 34.90 -23.26 18.23
C ARG A 168 34.38 -22.02 17.47
N THR A 169 34.93 -21.72 16.30
CA THR A 169 34.58 -20.53 15.51
C THR A 169 34.28 -20.90 14.04
N GLN A 170 33.53 -20.01 13.38
CA GLN A 170 33.27 -19.99 11.92
C GLN A 170 33.43 -18.57 11.44
N GLN A 171 34.02 -18.44 10.26
CA GLN A 171 34.29 -17.14 9.64
C GLN A 171 33.79 -17.24 8.21
N ALA A 172 33.26 -16.15 7.70
CA ALA A 172 32.84 -16.09 6.29
C ALA A 172 32.97 -14.66 5.83
N SER A 173 33.24 -14.49 4.54
CA SER A 173 33.30 -13.16 3.93
C SER A 173 32.68 -13.26 2.54
N VAL A 174 31.75 -12.37 2.24
CA VAL A 174 31.08 -12.38 0.92
C VAL A 174 31.24 -11.01 0.27
N ASP A 175 31.93 -10.97 -0.84
CA ASP A 175 32.08 -9.74 -1.67
C ASP A 175 30.98 -9.80 -2.72
N PHE A 176 29.95 -8.98 -2.59
CA PHE A 176 28.69 -9.11 -3.37
C PHE A 176 28.87 -8.61 -4.80
N SER A 177 28.57 -9.49 -5.74
CA SER A 177 28.14 -9.17 -7.11
C SER A 177 26.60 -9.24 -7.13
N SER A 178 25.98 -9.10 -8.30
CA SER A 178 24.50 -9.08 -8.47
C SER A 178 23.88 -10.37 -7.90
N THR A 179 24.64 -11.46 -7.86
CA THR A 179 24.12 -12.85 -7.76
C THR A 179 24.53 -13.53 -6.43
N SER A 180 25.44 -12.91 -5.68
CA SER A 180 26.05 -13.52 -4.48
C SER A 180 24.94 -13.80 -3.47
N PHE A 181 24.09 -12.81 -3.17
CA PHE A 181 23.10 -12.91 -2.08
C PHE A 181 22.21 -14.14 -2.30
N VAL A 182 21.59 -14.27 -3.48
CA VAL A 182 20.55 -15.31 -3.72
C VAL A 182 21.20 -16.70 -3.58
N LYS A 183 22.41 -16.85 -4.09
CA LYS A 183 23.10 -18.14 -4.26
C LYS A 183 23.82 -18.53 -2.97
N GLU A 184 24.51 -17.59 -2.31
CA GLU A 184 25.46 -17.92 -1.21
C GLU A 184 24.90 -17.53 0.17
N VAL A 185 23.88 -16.69 0.28
CA VAL A 185 23.43 -16.19 1.62
C VAL A 185 21.95 -16.53 1.88
N SER A 186 21.07 -16.33 0.89
CA SER A 186 19.59 -16.25 1.09
C SER A 186 19.06 -17.50 1.81
N ARG A 187 19.64 -18.67 1.56
CA ARG A 187 19.15 -20.01 2.02
C ARG A 187 19.68 -20.38 3.42
N ALA A 188 20.52 -19.54 4.03
CA ALA A 188 21.17 -19.85 5.33
C ALA A 188 20.12 -19.72 6.45
N ARG A 189 19.74 -20.84 7.05
CA ARG A 189 18.69 -20.87 8.07
C ARG A 189 19.23 -20.47 9.45
N THR A 190 18.34 -19.95 10.28
CA THR A 190 18.63 -19.67 11.70
C THR A 190 18.87 -21.01 12.42
N PHE A 191 19.56 -20.94 13.55
CA PHE A 191 20.06 -22.13 14.26
C PHE A 191 19.94 -21.86 15.76
N GLY A 192 19.81 -22.95 16.51
CA GLY A 192 19.86 -22.97 17.98
C GLY A 192 20.52 -24.25 18.46
N PHE A 193 21.14 -24.18 19.62
CA PHE A 193 21.66 -25.34 20.37
C PHE A 193 20.54 -25.83 21.26
N MET A 194 20.45 -27.15 21.42
CA MET A 194 19.32 -27.84 22.08
C MET A 194 19.14 -27.30 23.49
N ARG A 195 20.24 -27.13 24.23
CA ARG A 195 20.18 -26.72 25.64
C ARG A 195 19.63 -25.29 25.72
N ASP A 196 20.02 -24.40 24.79
CA ASP A 196 19.50 -23.00 24.73
C ASP A 196 18.00 -23.03 24.41
N ILE A 197 17.64 -23.80 23.38
CA ILE A 197 16.25 -23.94 22.87
C ILE A 197 15.38 -24.46 24.02
N GLU A 198 15.84 -25.47 24.74
CA GLU A 198 15.14 -26.02 25.93
C GLU A 198 14.90 -24.89 26.93
N TYR A 199 15.88 -24.02 27.14
CA TYR A 199 15.72 -22.87 28.06
C TYR A 199 14.71 -21.86 27.47
N LEU A 200 14.87 -21.49 26.20
CA LEU A 200 13.95 -20.52 25.56
C LEU A 200 12.50 -21.02 25.68
N ARG A 201 12.28 -22.33 25.45
CA ARG A 201 10.93 -22.96 25.48
C ARG A 201 10.34 -22.93 26.89
N SER A 202 11.15 -23.24 27.91
CA SER A 202 10.81 -23.14 29.36
C SER A 202 10.27 -21.75 29.72
N GLN A 203 10.83 -20.69 29.14
CA GLN A 203 10.43 -19.28 29.42
C GLN A 203 9.35 -18.84 28.44
N ASN A 204 8.80 -19.78 27.65
CA ASN A 204 7.64 -19.54 26.78
C ASN A 204 8.05 -18.67 25.59
N LEU A 205 9.29 -18.81 25.13
CA LEU A 205 9.84 -18.06 23.96
C LEU A 205 10.02 -19.08 22.82
N ALA A 206 10.36 -18.62 21.63
CA ALA A 206 10.56 -19.56 20.50
C ALA A 206 9.36 -20.50 20.34
N LEU A 207 8.12 -20.00 20.49
CA LEU A 207 6.89 -20.83 20.48
C LEU A 207 6.57 -21.35 19.07
N GLY A 208 7.08 -20.71 18.01
CA GLY A 208 6.86 -21.13 16.62
C GLY A 208 8.00 -21.96 16.08
N GLY A 209 8.99 -22.31 16.91
CA GLY A 209 10.23 -22.95 16.44
C GLY A 209 10.01 -24.42 16.09
N SER A 210 10.71 -24.94 15.09
CA SER A 210 10.75 -26.38 14.79
C SER A 210 11.87 -26.68 13.82
N VAL A 211 12.19 -27.96 13.60
CA VAL A 211 13.21 -28.42 12.61
C VAL A 211 12.85 -27.88 11.22
N GLU A 212 11.58 -27.55 10.99
CA GLU A 212 11.09 -27.05 9.68
C GLU A 212 11.54 -25.60 9.46
N ASN A 213 12.00 -24.87 10.50
CA ASN A 213 12.32 -23.42 10.34
C ASN A 213 13.62 -23.05 11.05
N ALA A 214 14.36 -24.02 11.57
CA ALA A 214 15.56 -23.76 12.39
C ALA A 214 16.47 -24.99 12.30
N ILE A 215 17.78 -24.78 12.21
CA ILE A 215 18.76 -25.87 12.42
C ILE A 215 18.84 -26.08 13.93
N VAL A 216 18.61 -27.31 14.40
CA VAL A 216 18.79 -27.70 15.83
C VAL A 216 20.08 -28.49 15.95
N VAL A 217 21.01 -27.92 16.71
CA VAL A 217 22.33 -28.54 16.97
C VAL A 217 22.27 -29.15 18.36
N ASP A 218 22.34 -30.47 18.43
CA ASP A 218 22.39 -31.17 19.73
C ASP A 218 23.86 -31.53 19.93
N GLU A 219 24.47 -30.97 20.97
CA GLU A 219 25.93 -31.15 21.21
C GLU A 219 26.64 -30.60 19.97
N ASN A 220 27.32 -31.46 19.25
CA ASN A 220 28.06 -31.08 18.03
C ASN A 220 27.44 -31.72 16.78
N ARG A 221 26.23 -32.27 16.85
CA ARG A 221 25.58 -32.93 15.69
C ARG A 221 24.26 -32.25 15.31
N VAL A 222 24.02 -32.06 14.01
CA VAL A 222 22.77 -31.43 13.52
C VAL A 222 21.64 -32.45 13.62
N LEU A 223 20.51 -32.07 14.20
CA LEU A 223 19.37 -33.00 14.36
C LEU A 223 18.53 -33.05 13.08
N ASN A 224 18.54 -31.98 12.31
CA ASN A 224 17.71 -31.92 11.08
C ASN A 224 18.07 -33.09 10.15
N GLU A 225 17.05 -33.81 9.72
CA GLU A 225 17.22 -35.00 8.86
C GLU A 225 18.10 -34.70 7.65
N ASP A 226 17.82 -33.63 6.92
CA ASP A 226 18.59 -33.41 5.68
C ASP A 226 19.89 -32.63 5.93
N GLY A 227 20.23 -32.29 7.15
CA GLY A 227 21.53 -31.64 7.39
C GLY A 227 21.61 -30.18 6.96
N LEU A 228 22.79 -29.74 6.57
CA LEU A 228 23.09 -28.32 6.24
C LEU A 228 23.02 -28.02 4.73
N ARG A 229 22.64 -26.78 4.40
CA ARG A 229 22.54 -26.24 3.02
C ARG A 229 23.89 -25.69 2.60
N TYR A 230 24.69 -25.28 3.57
CA TYR A 230 26.07 -24.79 3.37
C TYR A 230 26.90 -25.31 4.53
N GLU A 231 28.16 -25.62 4.24
CA GLU A 231 29.21 -26.04 5.20
C GLU A 231 29.21 -25.04 6.38
N ASP A 232 29.18 -23.75 6.05
CA ASP A 232 29.28 -22.61 7.00
C ASP A 232 27.91 -21.92 7.11
N GLU A 233 26.82 -22.68 7.12
CA GLU A 233 25.45 -22.12 7.12
C GLU A 233 25.29 -21.16 8.32
N PHE A 234 25.85 -21.51 9.48
CA PHE A 234 25.63 -20.76 10.74
C PHE A 234 26.15 -19.34 10.57
N VAL A 235 27.41 -19.19 10.15
CA VAL A 235 28.02 -17.84 9.99
C VAL A 235 27.35 -17.12 8.81
N LYS A 236 26.96 -17.83 7.75
CA LYS A 236 26.25 -17.25 6.59
C LYS A 236 24.92 -16.67 7.06
N HIS A 237 24.26 -17.32 8.02
CA HIS A 237 23.00 -16.80 8.61
C HIS A 237 23.24 -15.48 9.35
N LYS A 238 24.35 -15.35 10.08
CA LYS A 238 24.71 -14.08 10.76
C LYS A 238 24.99 -13.00 9.72
N ILE A 239 25.57 -13.36 8.56
CA ILE A 239 25.71 -12.41 7.44
C ILE A 239 24.32 -11.99 6.96
N LEU A 240 23.39 -12.95 6.81
CA LEU A 240 21.97 -12.67 6.44
C LEU A 240 21.36 -11.65 7.41
N ASP A 241 21.44 -11.91 8.72
CA ASP A 241 20.90 -11.04 9.79
C ASP A 241 21.49 -9.61 9.66
N ALA A 242 22.78 -9.51 9.40
CA ALA A 242 23.53 -8.23 9.36
C ALA A 242 23.06 -7.38 8.17
N ILE A 243 22.84 -8.01 7.02
CA ILE A 243 22.34 -7.35 5.80
C ILE A 243 20.93 -6.80 6.06
N GLY A 244 20.09 -7.57 6.74
CA GLY A 244 18.75 -7.13 7.19
C GLY A 244 18.83 -5.94 8.15
N ASP A 245 19.73 -5.97 9.14
CA ASP A 245 19.92 -4.82 10.07
C ASP A 245 20.46 -3.60 9.29
N LEU A 246 21.43 -3.81 8.40
CA LEU A 246 22.03 -2.71 7.60
C LEU A 246 20.94 -2.00 6.79
N TYR A 247 19.89 -2.72 6.38
CA TYR A 247 18.82 -2.10 5.54
C TYR A 247 17.99 -1.10 6.35
N LEU A 248 18.03 -1.13 7.67
CA LEU A 248 17.37 -0.11 8.52
C LEU A 248 17.97 1.29 8.29
N LEU A 249 19.15 1.40 7.66
CA LEU A 249 19.69 2.71 7.23
C LEU A 249 18.74 3.30 6.18
N GLY A 250 17.87 2.48 5.59
CA GLY A 250 16.82 2.91 4.64
C GLY A 250 17.35 3.14 3.22
N ASN A 251 18.63 2.89 2.97
CA ASN A 251 19.32 3.08 1.68
C ASN A 251 20.41 1.99 1.57
N SER A 252 20.71 1.51 0.38
CA SER A 252 21.69 0.44 0.14
C SER A 252 23.08 0.96 0.49
N LEU A 253 23.90 0.13 1.10
CA LEU A 253 25.23 0.57 1.60
C LEU A 253 26.30 0.33 0.54
N ILE A 254 27.19 1.30 0.38
CA ILE A 254 28.48 1.10 -0.35
C ILE A 254 29.62 1.12 0.67
N GLY A 255 30.11 -0.05 1.01
CA GLY A 255 31.17 -0.23 2.00
C GLY A 255 31.22 -1.65 2.49
N GLU A 256 31.99 -1.88 3.56
CA GLU A 256 32.21 -3.21 4.15
C GLU A 256 31.71 -3.18 5.59
N PHE A 257 30.98 -4.22 5.98
CA PHE A 257 30.65 -4.52 7.38
C PHE A 257 31.50 -5.71 7.82
N ARG A 258 32.07 -5.62 9.02
CA ARG A 258 32.73 -6.74 9.72
C ARG A 258 32.11 -6.92 11.10
N GLY A 259 31.64 -8.13 11.39
CA GLY A 259 31.09 -8.52 12.69
C GLY A 259 31.98 -9.54 13.36
N PHE A 260 32.29 -9.32 14.62
CA PHE A 260 32.99 -10.30 15.49
C PHE A 260 32.09 -10.57 16.70
N LYS A 261 31.40 -11.71 16.66
CA LYS A 261 30.45 -12.14 17.69
C LYS A 261 29.36 -11.08 17.82
N SER A 262 29.11 -10.32 16.75
CA SER A 262 28.08 -9.27 16.75
C SER A 262 26.71 -9.96 16.71
N GLY A 263 25.65 -9.21 16.93
CA GLY A 263 24.25 -9.69 16.94
C GLY A 263 23.38 -8.48 16.67
N HIS A 264 22.07 -8.63 16.76
CA HIS A 264 21.12 -7.53 16.47
C HIS A 264 21.43 -6.31 17.35
N ALA A 265 21.68 -6.50 18.65
CA ALA A 265 21.90 -5.36 19.56
C ALA A 265 23.11 -4.52 19.10
N LEU A 266 24.28 -5.14 18.91
CA LEU A 266 25.50 -4.38 18.57
C LEU A 266 25.40 -3.87 17.13
N ASN A 267 24.80 -4.66 16.20
CA ASN A 267 24.55 -4.22 14.81
C ASN A 267 23.78 -2.89 14.86
N ASN A 268 22.75 -2.81 15.72
CA ASN A 268 21.87 -1.61 15.86
C ASN A 268 22.68 -0.48 16.49
N GLN A 269 23.58 -0.79 17.42
CA GLN A 269 24.50 0.21 18.01
C GLN A 269 25.38 0.78 16.89
N LEU A 270 25.92 -0.08 16.04
CA LEU A 270 26.76 0.40 14.91
C LEU A 270 25.96 1.40 14.07
N LEU A 271 24.71 1.05 13.71
CA LEU A 271 23.87 1.87 12.81
C LEU A 271 23.63 3.23 13.45
N ARG A 272 23.30 3.24 14.74
CA ARG A 272 23.06 4.51 15.47
C ARG A 272 24.35 5.33 15.46
N THR A 273 25.50 4.71 15.69
CA THR A 273 26.81 5.42 15.73
C THR A 273 27.12 5.98 14.34
N LEU A 274 26.92 5.20 13.27
CA LEU A 274 27.20 5.70 11.91
C LEU A 274 26.29 6.89 11.62
N ILE A 275 24.98 6.74 11.84
CA ILE A 275 23.97 7.81 11.55
C ILE A 275 24.42 9.10 12.28
N ALA A 276 24.93 9.00 13.51
CA ALA A 276 25.39 10.18 14.29
C ALA A 276 26.63 10.81 13.65
N ASP A 277 27.50 9.96 13.08
CA ASP A 277 28.81 10.37 12.52
C ASP A 277 28.61 10.73 11.04
N LYS A 278 28.03 11.90 10.77
CA LYS A 278 27.64 12.35 9.41
C LYS A 278 28.88 12.58 8.53
N ASP A 279 30.07 12.75 9.10
CA ASP A 279 31.27 12.89 8.26
C ASP A 279 31.72 11.53 7.72
N ALA A 280 31.26 10.41 8.30
CA ALA A 280 31.66 9.04 7.91
C ALA A 280 30.78 8.51 6.76
N TRP A 281 29.75 9.24 6.33
CA TRP A 281 28.85 8.76 5.23
C TRP A 281 28.23 9.90 4.45
N GLU A 282 27.71 9.58 3.27
CA GLU A 282 27.10 10.55 2.31
C GLU A 282 26.20 9.77 1.36
N VAL A 283 25.06 10.36 1.00
CA VAL A 283 24.05 9.77 0.08
C VAL A 283 24.53 10.06 -1.35
N VAL A 284 24.49 9.06 -2.21
CA VAL A 284 24.95 9.22 -3.63
C VAL A 284 24.00 8.40 -4.50
N THR A 285 23.90 8.78 -5.78
CA THR A 285 23.10 8.11 -6.83
C THR A 285 24.03 7.91 -8.03
N PHE A 286 23.68 7.03 -8.96
CA PHE A 286 24.52 6.67 -10.12
C PHE A 286 23.67 6.84 -11.38
N GLU A 287 23.88 7.93 -12.10
CA GLU A 287 23.17 8.22 -13.37
C GLU A 287 23.70 7.32 -14.48
N ASP A 288 24.92 6.81 -14.34
CA ASP A 288 25.48 5.75 -15.21
C ASP A 288 25.67 4.45 -14.41
N ALA A 289 24.79 3.46 -14.61
CA ALA A 289 24.84 2.14 -13.90
C ALA A 289 26.18 1.46 -14.19
N ARG A 290 26.78 1.68 -15.36
CA ARG A 290 28.06 1.05 -15.78
C ARG A 290 29.25 1.54 -14.94
N THR A 291 29.18 2.68 -14.25
CA THR A 291 30.32 3.19 -13.43
C THR A 291 30.03 2.98 -11.93
N ALA A 292 28.84 2.46 -11.59
CA ALA A 292 28.44 2.22 -10.19
C ALA A 292 29.23 1.04 -9.64
N PRO A 293 29.60 1.07 -8.33
CA PRO A 293 30.39 0.00 -7.73
C PRO A 293 29.57 -1.24 -7.34
N ILE A 294 28.25 -1.14 -7.44
CA ILE A 294 27.27 -2.21 -7.10
C ILE A 294 26.32 -2.42 -8.29
N SER A 295 26.09 -3.68 -8.67
CA SER A 295 25.11 -4.10 -9.70
C SER A 295 24.00 -4.90 -9.03
N TYR A 296 22.79 -4.76 -9.54
CA TYR A 296 21.61 -5.56 -9.21
C TYR A 296 21.28 -6.45 -10.41
N MET A 297 20.57 -7.52 -10.15
CA MET A 297 20.16 -8.43 -11.23
C MET A 297 19.12 -7.68 -12.04
N ARG A 298 18.92 -8.10 -13.27
CA ARG A 298 17.84 -7.51 -14.09
C ARG A 298 16.48 -7.73 -13.42
N PRO A 299 15.54 -6.80 -13.56
CA PRO A 299 14.23 -6.94 -12.95
C PRO A 299 13.42 -8.00 -13.72
N MET B 1 4.40 15.97 -20.57
CA MET B 1 3.26 15.01 -20.66
C MET B 1 2.31 15.20 -19.51
N ILE B 2 1.08 14.73 -19.68
CA ILE B 2 0.18 14.71 -18.51
C ILE B 2 0.60 13.42 -17.78
N LYS B 3 1.02 13.60 -16.53
CA LYS B 3 1.59 12.53 -15.68
C LYS B 3 0.52 11.90 -14.78
N GLN B 4 0.71 10.63 -14.44
CA GLN B 4 -0.09 9.90 -13.43
C GLN B 4 0.12 10.57 -12.08
N ARG B 5 -0.83 10.42 -11.17
CA ARG B 5 -0.76 11.04 -9.83
C ARG B 5 -1.11 9.99 -8.79
N THR B 6 -0.43 10.10 -7.64
CA THR B 6 -0.75 9.35 -6.41
C THR B 6 -0.71 10.36 -5.26
N LEU B 7 -0.85 9.89 -4.03
CA LEU B 7 -0.69 10.70 -2.81
C LEU B 7 0.81 10.81 -2.46
N LYS B 8 1.25 11.91 -1.83
CA LYS B 8 2.64 12.06 -1.31
C LYS B 8 2.79 11.33 0.02
N ASN B 9 1.72 11.18 0.79
CA ASN B 9 1.79 10.68 2.18
C ASN B 9 0.61 9.77 2.43
N ILE B 10 0.79 8.80 3.33
CA ILE B 10 -0.34 8.01 3.89
C ILE B 10 -1.22 8.98 4.67
N ILE B 11 -2.54 8.85 4.61
CA ILE B 11 -3.43 9.63 5.50
C ILE B 11 -4.61 8.77 5.95
N ARG B 12 -5.12 9.08 7.15
CA ARG B 12 -6.18 8.32 7.83
C ARG B 12 -7.41 9.20 8.08
N ALA B 13 -8.57 8.56 8.20
CA ALA B 13 -9.84 9.19 8.60
C ALA B 13 -10.67 8.12 9.30
N THR B 14 -11.57 8.52 10.20
CA THR B 14 -12.59 7.61 10.78
C THR B 14 -13.98 8.15 10.45
N GLY B 15 -14.97 7.27 10.45
CA GLY B 15 -16.37 7.67 10.22
C GLY B 15 -17.29 6.52 10.49
N VAL B 16 -18.52 6.60 9.95
CA VAL B 16 -19.56 5.54 10.09
C VAL B 16 -20.07 5.19 8.69
N GLY B 17 -20.33 3.91 8.45
CA GLY B 17 -21.04 3.46 7.24
C GLY B 17 -22.43 4.01 7.29
N LEU B 18 -22.87 4.65 6.23
CA LEU B 18 -24.24 5.21 6.21
C LEU B 18 -25.22 4.04 6.32
N HIS B 19 -25.03 3.00 5.51
CA HIS B 19 -25.94 1.82 5.49
C HIS B 19 -25.78 0.93 6.72
N SER B 20 -24.56 0.50 7.00
CA SER B 20 -24.22 -0.46 8.08
C SER B 20 -24.38 0.18 9.46
N GLY B 21 -24.05 1.48 9.59
CA GLY B 21 -23.94 2.16 10.88
C GLY B 21 -22.64 1.80 11.60
N GLU B 22 -21.70 1.17 10.88
CA GLU B 22 -20.46 0.59 11.48
C GLU B 22 -19.33 1.63 11.48
N LYS B 23 -18.78 1.89 12.66
CA LYS B 23 -17.47 2.58 12.85
C LYS B 23 -16.46 1.96 11.88
N VAL B 24 -15.78 2.78 11.08
CA VAL B 24 -14.78 2.26 10.08
C VAL B 24 -13.57 3.17 10.11
N TYR B 25 -12.40 2.57 10.09
CA TYR B 25 -11.09 3.26 9.97
C TYR B 25 -10.68 3.13 8.50
N LEU B 26 -10.34 4.27 7.88
CA LEU B 26 -9.97 4.39 6.45
C LEU B 26 -8.53 4.93 6.38
N THR B 27 -7.72 4.33 5.50
CA THR B 27 -6.31 4.71 5.26
C THR B 27 -6.16 4.82 3.75
N LEU B 28 -5.66 5.94 3.23
CA LEU B 28 -5.30 6.10 1.80
C LEU B 28 -3.78 6.04 1.74
N LYS B 29 -3.25 5.17 0.89
CA LYS B 29 -1.80 4.86 0.80
C LYS B 29 -1.35 5.23 -0.60
N PRO B 30 -0.26 6.00 -0.74
CA PRO B 30 0.35 6.18 -2.05
C PRO B 30 0.57 4.83 -2.76
N ALA B 31 0.57 4.83 -4.10
CA ALA B 31 0.72 3.60 -4.92
C ALA B 31 1.54 3.93 -6.18
N PRO B 32 2.27 2.92 -6.70
CA PRO B 32 3.11 3.13 -7.87
C PRO B 32 2.32 3.26 -9.17
N VAL B 33 3.05 3.64 -10.21
CA VAL B 33 2.56 3.78 -11.61
C VAL B 33 1.67 2.57 -11.96
N ASP B 34 0.53 2.83 -12.61
CA ASP B 34 -0.30 1.79 -13.28
C ASP B 34 -0.93 0.84 -12.27
N THR B 35 -1.02 1.21 -11.00
CA THR B 35 -1.75 0.43 -9.98
C THR B 35 -3.25 0.59 -10.15
N GLY B 36 -3.72 1.80 -10.46
CA GLY B 36 -5.14 2.18 -10.36
C GLY B 36 -5.53 2.37 -8.90
N ILE B 37 -6.83 2.47 -8.62
CA ILE B 37 -7.39 2.55 -7.24
C ILE B 37 -7.69 1.12 -6.81
N VAL B 38 -7.14 0.67 -5.67
CA VAL B 38 -7.35 -0.70 -5.12
C VAL B 38 -7.87 -0.59 -3.69
N PHE B 39 -9.06 -1.12 -3.45
CA PHE B 39 -9.67 -1.28 -2.11
C PHE B 39 -9.14 -2.56 -1.46
N CYS B 40 -8.89 -2.52 -0.15
CA CYS B 40 -8.46 -3.67 0.68
C CYS B 40 -9.25 -3.67 1.99
N ARG B 41 -9.70 -4.83 2.41
CA ARG B 41 -10.38 -5.08 3.71
C ARG B 41 -9.31 -5.58 4.69
N THR B 42 -8.78 -4.70 5.52
CA THR B 42 -7.66 -5.01 6.43
C THR B 42 -8.20 -5.71 7.67
N ASP B 43 -9.51 -5.81 7.84
CA ASP B 43 -10.14 -6.55 8.97
C ASP B 43 -10.14 -8.05 8.69
N LEU B 44 -9.88 -8.48 7.46
CA LEU B 44 -9.99 -9.90 7.03
C LEU B 44 -8.59 -10.54 7.00
N ASP B 45 -8.55 -11.87 7.17
CA ASP B 45 -7.32 -12.70 7.04
C ASP B 45 -7.61 -13.86 6.10
N PRO B 46 -6.96 -13.92 4.91
CA PRO B 46 -6.01 -12.89 4.48
C PRO B 46 -6.72 -11.58 4.11
N VAL B 47 -5.95 -10.51 4.00
CA VAL B 47 -6.39 -9.22 3.39
C VAL B 47 -6.84 -9.54 1.96
N VAL B 48 -8.04 -9.06 1.59
CA VAL B 48 -8.65 -9.23 0.24
C VAL B 48 -8.53 -7.89 -0.51
N GLU B 49 -7.99 -7.91 -1.72
CA GLU B 49 -7.72 -6.73 -2.59
C GLU B 49 -8.77 -6.68 -3.72
N ILE B 50 -9.43 -5.55 -3.93
CA ILE B 50 -10.51 -5.40 -4.96
C ILE B 50 -10.25 -4.12 -5.73
N PRO B 51 -9.73 -4.23 -6.96
CA PRO B 51 -9.59 -3.08 -7.84
C PRO B 51 -10.96 -2.43 -8.05
N ALA B 52 -10.97 -1.11 -8.03
CA ALA B 52 -12.16 -0.26 -8.27
C ALA B 52 -12.43 -0.26 -9.78
N ARG B 53 -12.92 -1.39 -10.27
CA ARG B 53 -13.19 -1.65 -11.72
C ARG B 53 -14.64 -2.14 -11.88
N ALA B 54 -15.29 -1.72 -12.96
CA ALA B 54 -16.68 -2.11 -13.31
C ALA B 54 -16.87 -3.63 -13.12
N GLU B 55 -15.89 -4.44 -13.51
CA GLU B 55 -16.00 -5.93 -13.47
C GLU B 55 -16.10 -6.43 -12.02
N ASN B 56 -15.74 -5.62 -11.03
CA ASN B 56 -15.80 -6.05 -9.61
C ASN B 56 -17.04 -5.47 -8.91
N VAL B 57 -17.93 -4.79 -9.64
CA VAL B 57 -19.20 -4.27 -9.06
C VAL B 57 -20.16 -5.45 -8.86
N GLY B 58 -20.67 -5.66 -7.64
CA GLY B 58 -21.50 -6.84 -7.33
C GLY B 58 -22.95 -6.51 -6.98
N GLU B 59 -23.25 -5.25 -6.66
CA GLU B 59 -24.58 -4.83 -6.16
C GLU B 59 -24.67 -3.31 -6.31
N THR B 60 -25.80 -2.82 -6.78
CA THR B 60 -25.93 -1.37 -7.06
C THR B 60 -27.27 -0.85 -6.55
N THR B 61 -27.79 -1.37 -5.45
CA THR B 61 -29.15 -0.92 -5.06
C THR B 61 -29.23 0.55 -4.63
N MET B 62 -28.44 1.01 -3.67
CA MET B 62 -28.52 2.44 -3.29
C MET B 62 -27.10 3.04 -3.32
N SER B 63 -26.11 2.17 -3.41
CA SER B 63 -24.68 2.50 -3.53
C SER B 63 -24.03 1.49 -4.49
N THR B 64 -22.86 1.82 -5.00
CA THR B 64 -22.04 0.87 -5.77
C THR B 64 -21.22 0.06 -4.76
N THR B 65 -21.33 -1.27 -4.81
CA THR B 65 -20.66 -2.24 -3.90
C THR B 65 -19.71 -3.07 -4.75
N LEU B 66 -18.42 -3.05 -4.41
CA LEU B 66 -17.39 -3.95 -5.00
C LEU B 66 -17.46 -5.27 -4.24
N VAL B 67 -17.35 -6.38 -4.96
N VAL B 67 -17.32 -6.38 -4.97
CA VAL B 67 -17.35 -7.75 -4.38
CA VAL B 67 -17.40 -7.77 -4.42
C VAL B 67 -16.24 -8.57 -5.02
C VAL B 67 -16.28 -8.61 -5.03
N LYS B 68 -15.63 -9.44 -4.21
CA LYS B 68 -14.74 -10.53 -4.67
C LYS B 68 -15.01 -11.70 -3.71
N GLY B 69 -15.47 -12.84 -4.25
CA GLY B 69 -16.07 -13.91 -3.45
C GLY B 69 -17.27 -13.36 -2.71
N ASP B 70 -17.33 -13.52 -1.39
CA ASP B 70 -18.37 -12.82 -0.58
C ASP B 70 -17.68 -11.77 0.30
N VAL B 71 -16.52 -11.23 -0.10
CA VAL B 71 -15.94 -10.00 0.51
C VAL B 71 -16.53 -8.77 -0.23
N LYS B 72 -17.08 -7.82 0.51
CA LYS B 72 -17.77 -6.62 -0.04
C LYS B 72 -17.08 -5.35 0.44
N VAL B 73 -17.12 -4.32 -0.39
CA VAL B 73 -16.78 -2.91 -0.03
C VAL B 73 -17.93 -2.07 -0.56
N ASP B 74 -18.79 -1.57 0.32
CA ASP B 74 -20.02 -0.82 -0.01
C ASP B 74 -19.70 0.67 -0.06
N THR B 75 -20.46 1.46 -0.82
CA THR B 75 -20.45 2.93 -0.84
C THR B 75 -19.09 3.44 -1.32
N VAL B 76 -18.65 3.02 -2.52
CA VAL B 76 -17.35 3.45 -3.12
C VAL B 76 -17.49 4.77 -3.90
N GLU B 77 -18.71 5.15 -4.29
CA GLU B 77 -19.03 6.23 -5.28
C GLU B 77 -18.51 7.61 -4.85
N HIS B 78 -18.61 8.02 -3.58
CA HIS B 78 -18.26 9.40 -3.16
C HIS B 78 -16.74 9.53 -3.03
N LEU B 79 -16.07 8.50 -2.51
CA LEU B 79 -14.57 8.50 -2.46
C LEU B 79 -14.03 8.46 -3.89
N LEU B 80 -14.59 7.63 -4.76
CA LEU B 80 -14.08 7.51 -6.15
C LEU B 80 -14.33 8.82 -6.90
N SER B 81 -15.48 9.47 -6.63
CA SER B 81 -15.76 10.82 -7.19
C SER B 81 -14.60 11.76 -6.85
N ALA B 82 -14.20 11.83 -5.57
CA ALA B 82 -13.10 12.69 -5.05
C ALA B 82 -11.79 12.35 -5.77
N MET B 83 -11.47 11.06 -5.93
CA MET B 83 -10.26 10.59 -6.63
C MET B 83 -10.31 11.03 -8.09
N ALA B 84 -11.46 10.90 -8.76
CA ALA B 84 -11.59 11.27 -10.19
C ALA B 84 -11.48 12.78 -10.35
N GLY B 85 -12.05 13.53 -9.43
CA GLY B 85 -12.10 15.01 -9.51
C GLY B 85 -10.72 15.62 -9.39
N LEU B 86 -9.86 15.01 -8.55
CA LEU B 86 -8.48 15.49 -8.28
C LEU B 86 -7.47 14.78 -9.19
N GLY B 87 -7.92 13.84 -9.99
CA GLY B 87 -7.07 13.12 -10.96
C GLY B 87 -6.10 12.16 -10.30
N ILE B 88 -6.49 11.47 -9.23
CA ILE B 88 -5.64 10.45 -8.55
C ILE B 88 -5.76 9.13 -9.34
N ASP B 89 -4.67 8.69 -9.97
CA ASP B 89 -4.61 7.45 -10.78
C ASP B 89 -4.37 6.23 -9.89
N ASN B 90 -3.46 6.36 -8.93
CA ASN B 90 -2.89 5.22 -8.17
C ASN B 90 -3.04 5.48 -6.68
N ALA B 91 -3.74 4.59 -5.97
CA ALA B 91 -3.93 4.65 -4.51
C ALA B 91 -4.46 3.32 -3.98
N TYR B 92 -4.02 2.95 -2.77
CA TYR B 92 -4.64 1.88 -1.96
C TYR B 92 -5.61 2.50 -0.97
N VAL B 93 -6.85 2.00 -0.98
CA VAL B 93 -7.90 2.39 -0.02
C VAL B 93 -8.10 1.22 0.92
N GLU B 94 -7.72 1.36 2.18
CA GLU B 94 -7.72 0.28 3.19
C GLU B 94 -8.77 0.64 4.23
N LEU B 95 -9.66 -0.32 4.52
CA LEU B 95 -10.89 -0.17 5.32
C LEU B 95 -10.90 -1.27 6.37
N SER B 96 -11.27 -0.93 7.60
CA SER B 96 -11.42 -1.85 8.75
C SER B 96 -12.76 -2.56 8.71
N ALA B 97 -13.65 -2.20 7.78
CA ALA B 97 -15.04 -2.73 7.72
C ALA B 97 -15.52 -2.72 6.26
N SER B 98 -16.72 -3.21 5.97
CA SER B 98 -17.20 -3.36 4.56
C SER B 98 -17.50 -1.97 3.95
N GLU B 99 -17.93 -0.98 4.72
CA GLU B 99 -18.49 0.24 4.10
C GLU B 99 -17.53 1.44 4.26
N VAL B 100 -17.18 2.09 3.15
CA VAL B 100 -16.46 3.40 3.14
C VAL B 100 -17.24 4.35 4.03
N PRO B 101 -16.59 5.13 4.92
CA PRO B 101 -17.33 6.06 5.79
C PRO B 101 -18.01 7.17 4.97
N ILE B 102 -19.21 7.53 5.40
CA ILE B 102 -20.07 8.54 4.71
C ILE B 102 -19.51 9.96 4.90
N MET B 103 -18.82 10.26 6.03
CA MET B 103 -18.33 11.62 6.37
C MET B 103 -19.54 12.58 6.41
N ASP B 104 -19.54 13.67 5.65
CA ASP B 104 -20.63 14.70 5.62
C ASP B 104 -21.62 14.42 4.48
N GLY B 105 -21.41 13.34 3.70
CA GLY B 105 -22.31 12.81 2.67
C GLY B 105 -21.96 13.33 1.29
N SER B 106 -20.91 14.15 1.19
CA SER B 106 -20.35 14.67 -0.08
C SER B 106 -18.97 14.06 -0.32
N ALA B 107 -18.26 14.56 -1.32
CA ALA B 107 -16.85 14.23 -1.62
C ALA B 107 -15.94 15.22 -0.89
N GLY B 108 -16.50 16.29 -0.32
CA GLY B 108 -15.72 17.37 0.31
C GLY B 108 -14.66 16.84 1.26
N PRO B 109 -15.01 16.13 2.34
CA PRO B 109 -14.00 15.67 3.28
C PRO B 109 -12.91 14.82 2.61
N PHE B 110 -13.28 14.14 1.53
CA PHE B 110 -12.32 13.26 0.82
C PHE B 110 -11.34 14.11 0.03
N VAL B 111 -11.81 15.15 -0.64
CA VAL B 111 -10.86 15.99 -1.44
C VAL B 111 -9.92 16.74 -0.50
N PHE B 112 -10.39 17.13 0.69
CA PHE B 112 -9.49 17.83 1.64
C PHE B 112 -8.48 16.81 2.20
N LEU B 113 -8.95 15.60 2.51
CA LEU B 113 -8.08 14.51 3.00
C LEU B 113 -6.97 14.31 1.98
N ILE B 114 -7.33 14.10 0.70
CA ILE B 114 -6.36 13.86 -0.40
C ILE B 114 -5.42 15.07 -0.52
N GLN B 115 -5.98 16.28 -0.59
CA GLN B 115 -5.15 17.48 -0.93
C GLN B 115 -4.26 17.84 0.26
N SER B 116 -4.62 17.40 1.48
CA SER B 116 -3.82 17.56 2.73
C SER B 116 -2.55 16.71 2.62
N ALA B 117 -2.71 15.40 2.37
CA ALA B 117 -1.62 14.43 2.09
C ALA B 117 -0.72 14.95 0.97
N GLY B 118 -1.27 15.72 0.03
CA GLY B 118 -0.56 16.24 -1.15
C GLY B 118 -0.57 15.25 -2.31
N LEU B 119 -0.59 15.76 -3.55
CA LEU B 119 -0.49 15.00 -4.81
C LEU B 119 0.98 14.86 -5.21
N GLN B 120 1.37 13.65 -5.62
CA GLN B 120 2.70 13.32 -6.19
C GLN B 120 2.51 12.96 -7.66
N GLU B 121 3.04 13.77 -8.56
CA GLU B 121 3.11 13.44 -10.01
C GLU B 121 4.16 12.33 -10.13
N GLN B 122 3.96 11.43 -11.08
CA GLN B 122 4.80 10.22 -11.30
C GLN B 122 5.26 10.28 -12.76
N GLU B 123 6.42 9.70 -13.07
CA GLU B 123 7.07 9.77 -14.40
C GLU B 123 6.53 8.68 -15.31
N ALA B 124 5.23 8.77 -15.63
CA ALA B 124 4.50 7.89 -16.57
C ALA B 124 3.28 8.66 -17.08
N ALA B 125 3.07 8.62 -18.38
CA ALA B 125 1.89 9.20 -19.07
C ALA B 125 0.60 8.72 -18.38
N LYS B 126 -0.23 9.68 -17.98
CA LYS B 126 -1.64 9.46 -17.58
C LYS B 126 -2.42 8.93 -18.79
N LYS B 127 -3.14 7.85 -18.59
CA LYS B 127 -3.98 7.18 -19.62
C LYS B 127 -5.41 7.74 -19.52
N PHE B 128 -6.02 8.06 -20.66
CA PHE B 128 -7.42 8.53 -20.73
C PHE B 128 -8.23 7.57 -21.58
N ILE B 129 -9.48 7.35 -21.19
CA ILE B 129 -10.47 6.65 -22.06
C ILE B 129 -11.23 7.73 -22.82
N ARG B 130 -11.07 7.72 -24.15
CA ARG B 130 -11.68 8.72 -25.05
C ARG B 130 -12.92 8.10 -25.70
N ILE B 131 -14.09 8.70 -25.49
CA ILE B 131 -15.35 8.31 -26.18
C ILE B 131 -15.23 8.72 -27.64
N LYS B 132 -15.41 7.79 -28.57
CA LYS B 132 -15.29 8.00 -30.04
C LYS B 132 -16.65 7.83 -30.72
N ARG B 133 -17.59 7.14 -30.07
CA ARG B 133 -18.96 6.92 -30.60
C ARG B 133 -19.95 6.95 -29.43
N GLU B 134 -21.22 7.24 -29.73
CA GLU B 134 -22.31 7.33 -28.74
C GLU B 134 -22.59 5.92 -28.22
N VAL B 135 -22.81 5.81 -26.92
CA VAL B 135 -23.31 4.57 -26.27
C VAL B 135 -24.38 4.99 -25.28
N SER B 136 -25.52 4.31 -25.27
CA SER B 136 -26.65 4.69 -24.39
C SER B 136 -27.27 3.44 -23.81
N VAL B 137 -27.91 3.56 -22.65
CA VAL B 137 -28.78 2.50 -22.07
C VAL B 137 -30.05 3.19 -21.56
N GLU B 138 -31.13 2.44 -21.54
CA GLU B 138 -32.42 2.92 -21.01
C GLU B 138 -33.13 1.77 -20.31
N GLU B 139 -33.94 2.12 -19.31
CA GLU B 139 -34.82 1.20 -18.54
C GLU B 139 -36.02 2.06 -18.13
N GLY B 140 -37.18 1.78 -18.67
CA GLY B 140 -38.35 2.61 -18.35
C GLY B 140 -38.12 4.05 -18.75
N ASP B 141 -38.25 4.97 -17.80
CA ASP B 141 -38.09 6.43 -18.06
C ASP B 141 -36.63 6.86 -17.82
N LYS B 142 -35.73 5.94 -17.44
CA LYS B 142 -34.31 6.27 -17.12
C LYS B 142 -33.46 6.24 -18.40
N ARG B 143 -32.49 7.16 -18.50
CA ARG B 143 -31.51 7.26 -19.61
C ARG B 143 -30.10 7.45 -19.03
N ALA B 144 -29.11 6.89 -19.69
CA ALA B 144 -27.69 7.15 -19.41
C ALA B 144 -26.95 7.07 -20.75
N VAL B 145 -26.17 8.11 -21.06
CA VAL B 145 -25.54 8.26 -22.39
C VAL B 145 -24.08 8.68 -22.20
N PHE B 146 -23.19 8.05 -22.97
CA PHE B 146 -21.86 8.60 -23.30
C PHE B 146 -21.90 9.13 -24.72
N VAL B 147 -21.25 10.27 -24.93
CA VAL B 147 -21.22 10.98 -26.22
C VAL B 147 -19.81 11.55 -26.35
N PRO B 148 -19.20 11.53 -27.56
CA PRO B 148 -17.90 12.13 -27.78
C PRO B 148 -17.98 13.62 -27.46
N PHE B 149 -16.89 14.16 -26.92
CA PHE B 149 -16.79 15.54 -26.42
C PHE B 149 -15.31 15.86 -26.20
N ASP B 150 -14.88 17.04 -26.62
CA ASP B 150 -13.47 17.49 -26.52
C ASP B 150 -13.25 18.10 -25.13
N GLY B 151 -13.20 17.25 -24.11
CA GLY B 151 -13.02 17.63 -22.71
C GLY B 151 -13.78 16.65 -21.86
N PHE B 152 -14.22 17.08 -20.67
CA PHE B 152 -15.04 16.26 -19.74
C PHE B 152 -16.23 17.09 -19.28
N LYS B 153 -17.43 16.52 -19.40
CA LYS B 153 -18.73 17.19 -19.16
C LYS B 153 -19.73 16.17 -18.62
N VAL B 154 -20.43 16.50 -17.54
CA VAL B 154 -21.42 15.61 -16.89
C VAL B 154 -22.70 16.43 -16.66
N SER B 155 -23.82 15.93 -17.16
CA SER B 155 -25.13 16.60 -16.99
C SER B 155 -26.12 15.56 -16.44
N PHE B 156 -27.07 16.02 -15.66
CA PHE B 156 -28.06 15.17 -14.98
C PHE B 156 -29.37 15.92 -14.82
N GLU B 157 -30.47 15.18 -14.96
CA GLU B 157 -31.82 15.67 -14.64
C GLU B 157 -32.48 14.67 -13.70
N ILE B 158 -32.99 15.21 -12.60
CA ILE B 158 -33.88 14.51 -11.64
C ILE B 158 -35.30 14.90 -12.04
N ASP B 159 -36.29 14.15 -11.57
CA ASP B 159 -37.72 14.47 -11.86
C ASP B 159 -38.53 14.17 -10.59
N PHE B 160 -38.62 15.15 -9.70
CA PHE B 160 -39.29 15.05 -8.37
C PHE B 160 -40.77 15.35 -8.54
N ASP B 161 -41.62 14.66 -7.76
CA ASP B 161 -43.09 14.90 -7.67
C ASP B 161 -43.36 16.22 -6.92
N HIS B 162 -42.37 16.72 -6.16
CA HIS B 162 -42.51 17.93 -5.29
C HIS B 162 -41.17 18.68 -5.23
N PRO B 163 -40.86 19.51 -6.25
CA PRO B 163 -39.62 20.29 -6.26
C PRO B 163 -39.41 21.00 -4.91
N VAL B 164 -38.19 20.91 -4.37
CA VAL B 164 -37.89 21.29 -2.96
C VAL B 164 -37.73 22.82 -2.84
N PHE B 165 -38.23 23.39 -1.75
CA PHE B 165 -38.15 24.83 -1.40
C PHE B 165 -36.70 25.30 -1.39
N ARG B 166 -36.37 26.29 -2.24
CA ARG B 166 -35.04 26.97 -2.35
C ARG B 166 -34.02 26.09 -3.10
N GLY B 167 -34.42 24.87 -3.49
CA GLY B 167 -33.57 23.92 -4.24
C GLY B 167 -34.37 23.28 -5.36
N ARG B 168 -35.04 24.11 -6.17
CA ARG B 168 -36.11 23.69 -7.11
C ARG B 168 -35.51 23.17 -8.42
N THR B 169 -34.26 23.50 -8.76
CA THR B 169 -33.64 23.13 -10.07
C THR B 169 -33.55 21.59 -10.18
N GLN B 170 -34.03 21.05 -11.31
CA GLN B 170 -34.11 19.60 -11.55
C GLN B 170 -33.01 19.13 -12.50
N GLN B 171 -32.25 20.05 -13.05
CA GLN B 171 -31.19 19.68 -14.01
C GLN B 171 -30.02 20.63 -13.90
N ALA B 172 -28.84 20.10 -14.17
CA ALA B 172 -27.59 20.88 -14.14
C ALA B 172 -26.61 20.24 -15.12
N SER B 173 -25.72 21.06 -15.67
CA SER B 173 -24.67 20.58 -16.58
C SER B 173 -23.33 21.17 -16.11
N VAL B 174 -22.27 20.37 -16.12
CA VAL B 174 -20.93 20.87 -15.70
C VAL B 174 -19.91 20.52 -16.78
N ASP B 175 -19.30 21.54 -17.36
CA ASP B 175 -18.23 21.39 -18.38
C ASP B 175 -16.94 21.65 -17.62
N PHE B 176 -16.12 20.62 -17.40
CA PHE B 176 -15.08 20.60 -16.33
C PHE B 176 -13.81 21.29 -16.82
N SER B 177 -13.43 22.33 -16.11
CA SER B 177 -12.05 22.90 -16.09
C SER B 177 -11.36 22.31 -14.86
N SER B 178 -10.08 22.62 -14.66
CA SER B 178 -9.26 22.12 -13.54
C SER B 178 -9.96 22.29 -12.17
N THR B 179 -10.78 23.34 -11.97
CA THR B 179 -11.31 23.76 -10.63
C THR B 179 -12.83 23.50 -10.46
N SER B 180 -13.53 23.23 -11.56
CA SER B 180 -14.99 23.02 -11.57
C SER B 180 -15.35 22.04 -10.44
N PHE B 181 -14.70 20.87 -10.37
CA PHE B 181 -15.13 19.77 -9.47
C PHE B 181 -15.11 20.22 -8.01
N VAL B 182 -14.03 20.87 -7.57
CA VAL B 182 -13.87 21.23 -6.14
C VAL B 182 -14.88 22.33 -5.79
N LYS B 183 -15.03 23.34 -6.64
CA LYS B 183 -15.94 24.50 -6.38
C LYS B 183 -17.41 24.07 -6.51
N GLU B 184 -17.77 23.39 -7.61
CA GLU B 184 -19.17 23.26 -8.09
C GLU B 184 -19.83 21.99 -7.56
N VAL B 185 -19.06 20.91 -7.39
CA VAL B 185 -19.62 19.54 -7.24
C VAL B 185 -19.30 18.95 -5.87
N SER B 186 -18.05 19.09 -5.41
CA SER B 186 -17.45 18.25 -4.33
C SER B 186 -18.29 18.31 -3.05
N ARG B 187 -18.85 19.47 -2.72
CA ARG B 187 -19.59 19.71 -1.45
C ARG B 187 -21.06 19.21 -1.51
N ALA B 188 -21.57 18.74 -2.66
CA ALA B 188 -23.00 18.36 -2.80
C ALA B 188 -23.31 17.08 -2.00
N ARG B 189 -24.15 17.17 -0.97
CA ARG B 189 -24.42 16.04 -0.06
C ARG B 189 -25.51 15.14 -0.65
N THR B 190 -25.45 13.87 -0.29
CA THR B 190 -26.52 12.89 -0.55
C THR B 190 -27.78 13.37 0.15
N PHE B 191 -28.93 12.90 -0.31
CA PHE B 191 -30.26 13.32 0.17
C PHE B 191 -31.17 12.10 0.31
N GLY B 192 -32.12 12.19 1.23
CA GLY B 192 -33.15 11.15 1.43
C GLY B 192 -34.50 11.75 1.77
N PHE B 193 -35.54 11.33 1.05
CA PHE B 193 -36.96 11.67 1.33
C PHE B 193 -37.35 10.98 2.63
N MET B 194 -37.93 11.71 3.57
CA MET B 194 -38.31 11.15 4.89
C MET B 194 -39.20 9.91 4.69
N ARG B 195 -40.00 9.93 3.65
CA ARG B 195 -40.84 8.78 3.27
C ARG B 195 -39.93 7.55 3.11
N ASP B 196 -39.01 7.58 2.14
CA ASP B 196 -38.04 6.49 1.84
C ASP B 196 -37.30 6.09 3.13
N ILE B 197 -36.77 7.08 3.86
CA ILE B 197 -35.84 6.88 5.02
C ILE B 197 -36.53 6.05 6.11
N GLU B 198 -37.86 6.13 6.23
CA GLU B 198 -38.65 5.31 7.21
C GLU B 198 -38.66 3.85 6.76
N TYR B 199 -38.72 3.58 5.44
CA TYR B 199 -38.69 2.23 4.83
C TYR B 199 -37.28 1.64 4.92
N LEU B 200 -36.27 2.47 4.65
CA LEU B 200 -34.84 2.07 4.66
C LEU B 200 -34.48 1.71 6.09
N ARG B 201 -34.88 2.55 7.04
CA ARG B 201 -34.64 2.35 8.49
C ARG B 201 -35.36 1.08 8.97
N SER B 202 -36.50 0.72 8.36
CA SER B 202 -37.14 -0.57 8.68
C SER B 202 -36.19 -1.71 8.30
N GLN B 203 -35.51 -1.61 7.17
CA GLN B 203 -34.61 -2.69 6.69
C GLN B 203 -33.13 -2.43 7.01
N ASN B 204 -32.87 -1.71 8.09
CA ASN B 204 -31.50 -1.44 8.59
C ASN B 204 -30.57 -0.98 7.45
N LEU B 205 -31.09 -0.25 6.46
CA LEU B 205 -30.32 0.16 5.25
C LEU B 205 -29.82 1.61 5.38
N ALA B 206 -29.99 2.25 6.54
CA ALA B 206 -29.59 3.65 6.79
C ALA B 206 -29.20 3.84 8.27
N LEU B 207 -28.53 2.85 8.86
CA LEU B 207 -28.21 2.82 10.33
C LEU B 207 -27.26 3.96 10.71
N GLY B 208 -26.41 4.44 9.79
CA GLY B 208 -25.45 5.53 10.06
C GLY B 208 -25.99 6.89 9.64
N GLY B 209 -27.21 6.95 9.11
CA GLY B 209 -27.79 8.16 8.50
C GLY B 209 -28.31 9.15 9.52
N SER B 210 -28.13 10.45 9.25
CA SER B 210 -28.57 11.59 10.08
C SER B 210 -28.40 12.89 9.29
N VAL B 211 -28.85 14.01 9.85
CA VAL B 211 -28.73 15.35 9.21
C VAL B 211 -27.23 15.71 9.18
N GLU B 212 -26.40 15.02 9.96
CA GLU B 212 -24.94 15.26 9.95
C GLU B 212 -24.30 14.74 8.65
N ASN B 213 -24.97 13.87 7.88
CA ASN B 213 -24.33 13.22 6.68
C ASN B 213 -25.31 13.06 5.50
N ALA B 214 -26.52 13.61 5.58
CA ALA B 214 -27.55 13.54 4.52
C ALA B 214 -28.43 14.79 4.60
N ILE B 215 -28.88 15.30 3.44
CA ILE B 215 -30.02 16.27 3.37
C ILE B 215 -31.28 15.43 3.54
N VAL B 216 -32.05 15.64 4.61
CA VAL B 216 -33.37 14.97 4.82
C VAL B 216 -34.44 15.95 4.35
N VAL B 217 -35.26 15.51 3.41
CA VAL B 217 -36.32 16.36 2.82
C VAL B 217 -37.66 15.80 3.23
N ASP B 218 -38.44 16.59 3.97
CA ASP B 218 -39.81 16.17 4.33
C ASP B 218 -40.75 16.76 3.27
N GLU B 219 -40.98 15.99 2.21
CA GLU B 219 -41.83 16.29 1.03
C GLU B 219 -41.23 17.39 0.14
N ASN B 220 -41.13 18.63 0.63
CA ASN B 220 -40.66 19.73 -0.27
C ASN B 220 -39.90 20.79 0.53
N ARG B 221 -39.59 20.48 1.77
CA ARG B 221 -38.79 21.37 2.66
C ARG B 221 -37.64 20.55 3.27
N VAL B 222 -36.46 21.17 3.32
CA VAL B 222 -35.23 20.62 3.94
C VAL B 222 -35.40 20.73 5.46
N LEU B 223 -35.24 19.64 6.21
CA LEU B 223 -35.22 19.66 7.70
C LEU B 223 -33.89 20.20 8.23
N ASN B 224 -32.80 20.07 7.47
CA ASN B 224 -31.44 20.47 7.91
C ASN B 224 -31.42 21.97 8.30
N GLU B 225 -30.96 22.26 9.52
CA GLU B 225 -31.03 23.60 10.16
C GLU B 225 -30.34 24.64 9.27
N ASP B 226 -29.21 24.33 8.65
CA ASP B 226 -28.45 25.32 7.83
C ASP B 226 -28.74 25.17 6.32
N GLY B 227 -29.75 24.40 5.92
CA GLY B 227 -30.24 24.38 4.52
C GLY B 227 -29.20 23.86 3.54
N LEU B 228 -29.15 24.44 2.33
CA LEU B 228 -28.42 23.89 1.16
C LEU B 228 -27.07 24.61 0.98
N ARG B 229 -26.08 23.87 0.45
CA ARG B 229 -24.73 24.39 0.11
C ARG B 229 -24.75 24.94 -1.31
N TYR B 230 -25.69 24.46 -2.12
CA TYR B 230 -25.93 24.97 -3.50
C TYR B 230 -27.44 24.96 -3.73
N GLU B 231 -27.92 25.86 -4.58
CA GLU B 231 -29.34 25.94 -5.01
C GLU B 231 -29.74 24.62 -5.69
N ASP B 232 -28.81 23.97 -6.42
CA ASP B 232 -29.05 22.75 -7.22
C ASP B 232 -28.29 21.57 -6.58
N GLU B 233 -28.25 21.49 -5.24
CA GLU B 233 -27.42 20.51 -4.47
C GLU B 233 -27.86 19.08 -4.83
N PHE B 234 -29.16 18.84 -4.94
CA PHE B 234 -29.67 17.46 -5.19
C PHE B 234 -29.09 16.96 -6.50
N VAL B 235 -29.22 17.75 -7.57
CA VAL B 235 -28.79 17.32 -8.92
C VAL B 235 -27.25 17.28 -8.98
N LYS B 236 -26.57 18.19 -8.27
CA LYS B 236 -25.08 18.22 -8.15
C LYS B 236 -24.59 16.92 -7.48
N HIS B 237 -25.34 16.39 -6.52
CA HIS B 237 -24.95 15.12 -5.87
C HIS B 237 -25.02 13.97 -6.89
N LYS B 238 -26.00 14.00 -7.78
CA LYS B 238 -26.25 12.95 -8.80
C LYS B 238 -25.12 12.99 -9.84
N ILE B 239 -24.65 14.19 -10.15
CA ILE B 239 -23.43 14.38 -10.99
C ILE B 239 -22.21 13.82 -10.25
N LEU B 240 -22.12 14.04 -8.94
CA LEU B 240 -21.01 13.53 -8.09
C LEU B 240 -21.03 12.00 -8.14
N ASP B 241 -22.20 11.39 -7.91
CA ASP B 241 -22.42 9.91 -7.99
C ASP B 241 -21.99 9.41 -9.37
N ALA B 242 -22.43 10.05 -10.45
CA ALA B 242 -22.05 9.66 -11.83
C ALA B 242 -20.52 9.65 -11.98
N ILE B 243 -19.85 10.71 -11.52
CA ILE B 243 -18.38 10.85 -11.67
C ILE B 243 -17.68 9.70 -10.94
N GLY B 244 -18.15 9.31 -9.77
CA GLY B 244 -17.59 8.17 -9.03
C GLY B 244 -17.76 6.86 -9.79
N ASP B 245 -18.95 6.60 -10.33
CA ASP B 245 -19.24 5.39 -11.14
C ASP B 245 -18.38 5.39 -12.41
N LEU B 246 -18.26 6.54 -13.10
CA LEU B 246 -17.45 6.65 -14.35
C LEU B 246 -16.01 6.25 -14.04
N TYR B 247 -15.54 6.47 -12.81
CA TYR B 247 -14.11 6.21 -12.46
C TYR B 247 -13.87 4.70 -12.39
N LEU B 248 -14.93 3.87 -12.37
CA LEU B 248 -14.79 2.40 -12.39
C LEU B 248 -14.31 1.92 -13.76
N LEU B 249 -14.22 2.80 -14.77
CA LEU B 249 -13.55 2.51 -16.07
C LEU B 249 -12.01 2.37 -15.87
N GLY B 250 -11.47 2.79 -14.72
CA GLY B 250 -10.03 2.64 -14.39
C GLY B 250 -9.19 3.82 -14.85
N ASN B 251 -9.79 4.77 -15.59
CA ASN B 251 -9.06 5.91 -16.18
C ASN B 251 -10.02 7.10 -16.32
N SER B 252 -9.43 8.28 -16.43
CA SER B 252 -10.09 9.58 -16.63
C SER B 252 -10.74 9.61 -18.03
N LEU B 253 -11.91 10.23 -18.11
CA LEU B 253 -12.79 10.17 -19.30
C LEU B 253 -12.59 11.44 -20.12
N ILE B 254 -12.41 11.28 -21.44
CA ILE B 254 -12.52 12.39 -22.41
C ILE B 254 -13.81 12.11 -23.20
N GLY B 255 -14.87 12.79 -22.79
CA GLY B 255 -16.23 12.53 -23.27
C GLY B 255 -17.24 13.25 -22.41
N GLU B 256 -18.51 12.94 -22.65
CA GLU B 256 -19.67 13.60 -22.01
C GLU B 256 -20.65 12.53 -21.55
N PHE B 257 -21.06 12.61 -20.28
CA PHE B 257 -22.11 11.77 -19.66
C PHE B 257 -23.40 12.58 -19.62
N ARG B 258 -24.51 11.99 -20.05
CA ARG B 258 -25.87 12.59 -19.91
C ARG B 258 -26.77 11.58 -19.18
N GLY B 259 -27.34 12.00 -18.04
CA GLY B 259 -28.21 11.16 -17.19
C GLY B 259 -29.59 11.76 -17.02
N PHE B 260 -30.62 10.92 -17.12
CA PHE B 260 -32.03 11.26 -16.82
C PHE B 260 -32.53 10.20 -15.83
N LYS B 261 -32.70 10.59 -14.57
CA LYS B 261 -33.04 9.70 -13.43
C LYS B 261 -32.11 8.46 -13.35
N SER B 262 -30.85 8.59 -13.77
CA SER B 262 -29.86 7.49 -13.77
C SER B 262 -29.24 7.35 -12.38
N GLY B 263 -29.37 6.18 -11.76
CA GLY B 263 -28.67 5.89 -10.50
C GLY B 263 -27.52 4.91 -10.71
N HIS B 264 -27.08 4.28 -9.63
CA HIS B 264 -25.90 3.38 -9.62
C HIS B 264 -26.14 2.20 -10.57
N ALA B 265 -27.36 1.63 -10.55
CA ALA B 265 -27.71 0.43 -11.36
C ALA B 265 -27.54 0.76 -12.86
N LEU B 266 -28.18 1.82 -13.36
CA LEU B 266 -28.14 2.13 -14.81
C LEU B 266 -26.76 2.70 -15.17
N ASN B 267 -26.16 3.48 -14.27
CA ASN B 267 -24.79 4.03 -14.47
C ASN B 267 -23.88 2.84 -14.79
N ASN B 268 -23.94 1.80 -13.99
CA ASN B 268 -23.07 0.61 -14.13
C ASN B 268 -23.45 -0.17 -15.39
N GLN B 269 -24.74 -0.26 -15.73
CA GLN B 269 -25.20 -0.89 -17.00
C GLN B 269 -24.57 -0.14 -18.18
N LEU B 270 -24.45 1.20 -18.11
CA LEU B 270 -23.84 2.01 -19.20
C LEU B 270 -22.34 1.68 -19.33
N LEU B 271 -21.65 1.59 -18.19
CA LEU B 271 -20.21 1.25 -18.15
C LEU B 271 -19.95 -0.09 -18.83
N ARG B 272 -20.78 -1.09 -18.54
CA ARG B 272 -20.61 -2.45 -19.14
C ARG B 272 -20.87 -2.40 -20.65
N THR B 273 -21.89 -1.66 -21.09
CA THR B 273 -22.19 -1.44 -22.53
C THR B 273 -21.00 -0.73 -23.18
N LEU B 274 -20.42 0.29 -22.54
CA LEU B 274 -19.27 1.02 -23.12
C LEU B 274 -18.12 0.03 -23.29
N ILE B 275 -17.79 -0.72 -22.23
CA ILE B 275 -16.63 -1.65 -22.20
C ILE B 275 -16.82 -2.71 -23.32
N ALA B 276 -17.98 -3.34 -23.46
CA ALA B 276 -18.27 -4.32 -24.52
C ALA B 276 -18.11 -3.70 -25.92
N ASP B 277 -18.55 -2.44 -26.11
CA ASP B 277 -18.53 -1.71 -27.41
C ASP B 277 -17.17 -1.05 -27.61
N LYS B 278 -16.16 -1.84 -27.95
CA LYS B 278 -14.74 -1.39 -27.99
C LYS B 278 -14.54 -0.38 -29.12
N ASP B 279 -15.37 -0.38 -30.16
CA ASP B 279 -15.30 0.66 -31.23
C ASP B 279 -15.72 2.03 -30.67
N ALA B 280 -16.37 2.08 -29.51
CA ALA B 280 -16.93 3.35 -28.98
C ALA B 280 -15.85 4.09 -28.19
N TRP B 281 -14.69 3.46 -27.91
CA TRP B 281 -13.66 4.08 -27.03
C TRP B 281 -12.23 3.62 -27.34
N GLU B 282 -11.25 4.48 -27.06
CA GLU B 282 -9.80 4.18 -27.21
C GLU B 282 -9.08 4.73 -25.98
N VAL B 283 -7.91 4.16 -25.66
CA VAL B 283 -7.03 4.72 -24.60
C VAL B 283 -6.00 5.62 -25.29
N VAL B 284 -5.83 6.84 -24.79
CA VAL B 284 -4.85 7.81 -25.34
C VAL B 284 -4.07 8.44 -24.20
N THR B 285 -2.92 9.01 -24.54
CA THR B 285 -2.02 9.75 -23.62
C THR B 285 -1.72 11.09 -24.30
N PHE B 286 -1.14 12.05 -23.57
CA PHE B 286 -0.84 13.40 -24.09
C PHE B 286 0.60 13.78 -23.75
N GLU B 287 1.42 13.97 -24.78
CA GLU B 287 2.83 14.41 -24.66
C GLU B 287 2.86 15.90 -24.29
N ASP B 288 1.94 16.71 -24.83
CA ASP B 288 1.86 18.17 -24.59
C ASP B 288 0.52 18.49 -23.92
N ALA B 289 0.54 18.77 -22.61
CA ALA B 289 -0.66 18.92 -21.76
C ALA B 289 -1.47 20.18 -22.11
N ARG B 290 -0.96 21.02 -23.03
CA ARG B 290 -1.65 22.25 -23.54
C ARG B 290 -2.69 21.88 -24.62
N THR B 291 -2.27 21.08 -25.60
CA THR B 291 -3.12 20.54 -26.70
C THR B 291 -4.19 19.59 -26.14
N ALA B 292 -4.01 19.06 -24.92
CA ALA B 292 -4.95 18.13 -24.24
C ALA B 292 -6.29 18.83 -23.98
N PRO B 293 -7.43 18.15 -24.16
CA PRO B 293 -8.75 18.77 -23.97
C PRO B 293 -9.19 18.88 -22.50
N ILE B 294 -8.43 18.27 -21.59
CA ILE B 294 -8.71 18.22 -20.14
C ILE B 294 -7.50 18.80 -19.41
N SER B 295 -7.73 19.52 -18.32
CA SER B 295 -6.66 20.10 -17.46
C SER B 295 -6.94 19.76 -15.98
N TYR B 296 -5.86 19.48 -15.29
CA TYR B 296 -5.85 19.19 -13.85
C TYR B 296 -5.22 20.40 -13.17
N MET B 297 -5.42 20.50 -11.87
CA MET B 297 -4.90 21.60 -11.03
C MET B 297 -3.44 21.33 -10.71
N ARG B 298 -2.77 22.30 -10.11
CA ARG B 298 -1.37 22.16 -9.63
C ARG B 298 -1.37 20.94 -8.69
N PRO B 299 -0.40 20.03 -8.77
CA PRO B 299 -0.41 18.85 -7.92
C PRO B 299 -0.23 19.20 -6.44
C10 W4P C . 15.09 -21.14 17.76
C13 W4P C . 16.29 -18.66 17.24
C15 W4P C . 14.03 -23.53 18.01
C17 W4P C . 12.49 -25.02 19.20
C20 W4P C . 11.40 -28.63 18.68
C22 W4P C . 12.73 -28.92 20.81
C26 W4P C . 12.45 -31.66 18.45
C28 W4P C . 12.94 -27.08 17.40
C01 W4P C . 14.03 -15.13 14.37
S02 W4P C . 15.10 -16.55 14.78
C03 W4P C . 16.63 -15.77 15.47
C04 W4P C . 17.54 -16.75 16.27
N05 W4P C . 16.69 -17.38 17.23
N06 W4P C . 16.17 -16.75 18.30
N07 W4P C . 15.39 -17.62 18.98
C08 W4P C . 15.44 -18.83 18.35
C09 W4P C . 14.83 -20.08 18.62
C11 W4P C . 15.90 -20.96 16.64
C12 W4P C . 16.53 -19.71 16.39
C14 W4P C . 14.49 -22.48 17.94
C16 W4P C . 13.35 -24.86 18.14
C18 W4P C . 11.86 -26.24 19.37
C19 W4P C . 12.08 -27.27 18.46
N21 W4P C . 12.26 -29.39 19.66
C23 W4P C . 13.48 -29.88 21.42
N24 W4P C . 13.46 -30.95 20.64
C25 W4P C . 12.71 -30.65 19.55
O27 W4P C . 11.28 -32.33 18.84
C29 W4P C . 13.58 -25.87 17.23
N30 W4P C . 17.33 -15.11 14.38
O31 W4P C . 17.94 -15.74 13.30
C32 W4P C . 17.45 -13.71 14.39
O33 W4P C . 18.04 -13.26 13.49
S SO4 D . 22.82 3.38 -17.68
O1 SO4 D . 24.01 2.56 -17.61
O2 SO4 D . 23.10 4.54 -18.51
O3 SO4 D . 21.74 2.60 -18.25
O4 SO4 D . 22.46 3.81 -16.35
C1 GOL E . 24.86 -5.37 -3.60
O1 GOL E . 24.60 -4.23 -2.78
C2 GOL E . 23.58 -6.12 -3.91
O2 GOL E . 23.69 -6.72 -5.19
C3 GOL E . 23.24 -7.16 -2.85
O3 GOL E . 22.40 -8.20 -3.35
C1 GOL F . 22.48 -4.15 2.91
O1 GOL F . 21.43 -3.90 3.83
C2 GOL F . 22.54 -3.09 1.82
O2 GOL F . 22.94 -1.85 2.41
C3 GOL F . 23.45 -3.49 0.68
O3 GOL F . 23.67 -2.43 -0.26
S DMS G . 19.62 -19.83 20.70
O DMS G . 20.84 -20.72 20.52
C1 DMS G . 19.70 -18.58 19.43
C2 DMS G . 19.98 -18.77 22.10
ZN ZN H . 18.39 -14.54 11.81
C10 W8P I . -31.05 11.43 -22.56
C13 W8P I . -31.15 13.67 -20.87
C15 W8P I . -31.17 9.38 -24.32
C17 W8P I . -32.73 8.19 -25.93
C20 W8P I . -32.29 5.02 -28.07
C22 W8P I . -30.26 5.65 -29.37
C26 W8P I . -31.30 2.17 -28.96
C28 W8P I . -30.83 6.27 -26.42
C01 W8P I . -28.84 19.02 -18.63
S02 W8P I . -29.57 17.52 -17.93
C03 W8P I . -30.11 16.65 -19.44
C04 W8P I . -30.93 15.44 -19.08
N05 W8P I . -31.47 14.88 -20.28
N06 W8P I . -32.45 15.50 -20.99
N07 W8P I . -32.76 14.73 -22.03
C08 W8P I . -32.01 13.58 -21.98
C09 W8P I . -31.94 12.45 -22.84
C11 W8P I . -30.20 11.51 -21.43
C12 W8P I . -30.24 12.62 -20.60
C14 W8P I . -31.05 10.27 -23.55
C16 W8P I . -31.50 8.26 -25.28
C18 W8P I . -33.01 7.14 -26.83
C19 W8P I . -32.05 6.18 -27.09
N21 W8P I . -31.10 4.75 -28.89
C23 W8P I . -29.27 5.02 -30.07
N24 W8P I . -29.53 3.72 -30.01
C25 W8P I . -30.65 3.54 -29.28
O27 W8P I . -30.83 1.65 -27.76
C29 W8P I . -30.55 7.30 -25.52
N30 W8P I . -28.94 16.19 -20.17
O31 W8P I . -28.16 15.17 -19.58
C32 W8P I . -28.62 16.77 -21.44
O33 W8P I . -27.70 16.41 -22.08
C10 W4P J . -30.12 8.28 3.88
C13 W4P J . -29.17 7.61 1.30
C15 W4P J . -31.04 8.85 6.36
C17 W4P J . -31.63 10.40 8.27
C20 W4P J . -33.16 9.86 11.77
C22 W4P J . -31.21 8.97 13.09
C26 W4P J . -33.79 11.06 14.58
C28 W4P J . -32.54 8.32 9.85
C01 W4P J . -24.28 6.45 0.42
S02 W4P J . -25.81 7.43 0.48
C03 W4P J . -26.72 7.09 -1.05
C04 W4P J . -28.19 7.58 -0.99
N05 W4P J . -28.80 6.98 0.16
N06 W4P J . -29.10 5.68 0.25
N07 W4P J . -29.61 5.42 1.46
C08 W4P J . -29.68 6.62 2.15
C09 W4P J . -30.17 6.96 3.42
C11 W4P J . -29.60 9.28 3.03
C12 W4P J . -29.12 8.95 1.75
C14 W4P J . -30.63 8.61 5.27
C16 W4P J . -31.57 9.12 7.77
C18 W4P J . -32.13 10.64 9.54
C19 W4P J . -32.57 9.60 10.37
N21 W4P J . -32.32 9.67 12.97
C23 W4P J . -30.77 9.05 14.38
N24 W4P J . -31.63 9.79 15.05
C25 W4P J . -32.60 10.17 14.20
O27 W4P J . -35.00 10.38 14.34
C29 W4P J . -32.03 8.09 8.57
N30 W4P J . -25.98 7.73 -2.11
O31 W4P J . -25.82 9.12 -2.20
C32 W4P J . -25.36 6.99 -3.15
O33 W4P J . -24.78 7.62 -3.96
C1 GOL K . -12.04 16.47 -13.09
O1 GOL K . -12.07 17.44 -12.04
C2 GOL K . -11.59 17.06 -14.41
O2 GOL K . -10.48 17.96 -14.22
C3 GOL K . -11.22 16.00 -15.42
O3 GOL K . -11.30 16.50 -16.76
C1 GOL L . -14.77 10.70 -14.14
O1 GOL L . -14.86 9.49 -13.42
C2 GOL L . -13.44 10.82 -14.83
O2 GOL L . -13.48 10.08 -16.04
C3 GOL L . -13.02 12.25 -15.09
O3 GOL L . -12.18 12.33 -16.24
S SO4 M . -36.68 11.30 -21.71
O1 SO4 M . -35.37 11.48 -22.28
O2 SO4 M . -37.61 10.93 -22.75
O3 SO4 M . -37.09 12.54 -21.12
O4 SO4 M . -36.66 10.28 -20.67
ZN ZN N . -24.26 9.63 -3.60
#